data_4ZO4
#
_entry.id   4ZO4
#
_cell.length_a   73.815
_cell.length_b   74.032
_cell.length_c   178.493
_cell.angle_alpha   90.000
_cell.angle_beta   90.000
_cell.angle_gamma   90.000
#
_symmetry.space_group_name_H-M   'P 21 21 21'
#
loop_
_entity.id
_entity.type
_entity.pdbx_description
1 polymer 'Dephospho-CoA kinase'
2 non-polymer BETA-MERCAPTOETHANOL
#
_entity_poly.entity_id   1
_entity_poly.type   'polypeptide(L)'
_entity_poly.pdbx_seq_one_letter_code
;SNA(MSE)KNAFFVTASIACGKSTFIEIANSLGFKSISADKIAHKILDENALELEKIFSPFSLKNLLKKEKKIDRKILGE
IVFNNKEAKKILENFTHPKIRAKILEQ(MSE)QILDKENKAFFVEIPLFFESGAYENLGKVIVIYTPKELSLKRI(MSE)
QRDKLSLEAAKARLDSQIDIEEKLKKADFIIKNTNSYADFRQECVKVIQEISKGN(MSE)
;
_entity_poly.pdbx_strand_id   A,B,C,D
#
loop_
_chem_comp.id
_chem_comp.type
_chem_comp.name
_chem_comp.formula
BME non-polymer BETA-MERCAPTOETHANOL 'C2 H6 O S'
#
# COMPACT_ATOMS: atom_id res chain seq x y z
N ALA A 3 6.84 -12.89 26.55
CA ALA A 3 6.58 -12.44 27.95
C ALA A 3 5.75 -13.43 28.79
N MSE A 4 4.72 -14.04 28.19
CA MSE A 4 3.85 -15.00 28.89
C MSE A 4 4.32 -16.39 28.54
O MSE A 4 4.60 -16.68 27.38
CB MSE A 4 2.38 -14.76 28.47
CG MSE A 4 1.80 -13.43 28.94
SE MSE A 4 -0.06 -13.20 28.32
CE MSE A 4 0.37 -12.40 26.59
N LYS A 5 4.41 -17.27 29.52
CA LYS A 5 4.97 -18.60 29.28
C LYS A 5 3.96 -19.65 28.78
N ASN A 6 2.68 -19.49 29.12
CA ASN A 6 1.66 -20.51 28.84
C ASN A 6 0.89 -20.26 27.56
N ALA A 7 1.34 -19.24 26.81
CA ALA A 7 0.63 -18.76 25.63
C ALA A 7 1.13 -19.41 24.40
N PHE A 8 0.20 -19.96 23.62
CA PHE A 8 0.57 -20.52 22.36
C PHE A 8 -0.36 -19.97 21.29
N PHE A 9 0.20 -19.39 20.23
CA PHE A 9 -0.64 -18.95 19.12
C PHE A 9 -0.85 -20.13 18.19
N VAL A 10 -2.09 -20.32 17.77
CA VAL A 10 -2.34 -21.37 16.83
C VAL A 10 -2.79 -20.74 15.52
N THR A 11 -1.99 -20.89 14.48
CA THR A 11 -2.34 -20.30 13.21
C THR A 11 -2.18 -21.33 12.11
N ALA A 12 -2.90 -21.16 10.99
CA ALA A 12 -2.95 -22.19 9.96
C ALA A 12 -2.95 -21.65 8.55
N SER A 13 -2.25 -22.37 7.69
CA SER A 13 -2.21 -22.05 6.28
C SER A 13 -3.55 -22.28 5.62
N ILE A 14 -4.46 -22.99 6.29
CA ILE A 14 -5.83 -23.24 5.82
C ILE A 14 -6.76 -23.49 7.05
N ALA A 15 -7.99 -22.99 6.96
CA ALA A 15 -8.84 -22.77 8.15
C ALA A 15 -9.09 -23.99 9.03
N CYS A 16 -9.25 -25.13 8.38
CA CYS A 16 -9.54 -26.37 9.08
C CYS A 16 -8.32 -26.86 9.85
N GLY A 17 -7.13 -26.49 9.41
CA GLY A 17 -5.91 -26.82 10.14
C GLY A 17 -5.92 -26.25 11.55
N LYS A 18 -6.33 -24.99 11.62
CA LYS A 18 -6.41 -24.25 12.85
C LYS A 18 -7.51 -24.76 13.80
N SER A 19 -8.67 -25.12 13.23
CA SER A 19 -9.86 -25.44 14.03
C SER A 19 -9.79 -26.85 14.57
N THR A 20 -9.17 -27.74 13.80
CA THR A 20 -8.93 -29.10 14.24
C THR A 20 -7.93 -29.12 15.40
N PHE A 21 -6.79 -28.43 15.26
CA PHE A 21 -5.82 -28.34 16.37
C PHE A 21 -6.46 -27.78 17.61
N ILE A 22 -7.49 -26.96 17.43
CA ILE A 22 -8.25 -26.39 18.56
C ILE A 22 -9.33 -27.33 19.10
N GLU A 23 -10.01 -28.06 18.22
CA GLU A 23 -10.97 -29.06 18.65
C GLU A 23 -10.26 -30.10 19.54
N ILE A 24 -9.10 -30.54 19.10
CA ILE A 24 -8.27 -31.49 19.84
C ILE A 24 -7.69 -30.89 21.14
N ALA A 25 -7.27 -29.63 21.11
CA ALA A 25 -6.74 -28.99 22.30
C ALA A 25 -7.80 -28.84 23.40
N ASN A 26 -9.04 -28.56 23.00
CA ASN A 26 -10.15 -28.43 23.93
C ASN A 26 -10.43 -29.77 24.57
N SER A 27 -10.61 -30.77 23.72
CA SER A 27 -10.96 -32.10 24.21
C SER A 27 -9.89 -32.53 25.22
N LEU A 28 -8.63 -32.38 24.88
CA LEU A 28 -7.53 -32.65 25.83
C LEU A 28 -7.48 -31.72 27.07
N GLY A 29 -8.43 -30.77 27.14
CA GLY A 29 -8.69 -29.98 28.34
C GLY A 29 -7.92 -28.66 28.46
N PHE A 30 -7.32 -28.19 27.37
CA PHE A 30 -6.58 -26.91 27.43
C PHE A 30 -7.44 -25.76 26.96
N LYS A 31 -7.21 -24.59 27.56
CA LYS A 31 -7.98 -23.35 27.27
C LYS A 31 -7.59 -22.69 25.94
N SER A 32 -8.57 -22.37 25.11
CA SER A 32 -8.33 -21.52 23.93
C SER A 32 -9.21 -20.29 23.94
N ILE A 33 -8.68 -19.19 23.40
CA ILE A 33 -9.52 -18.01 23.05
C ILE A 33 -9.48 -17.81 21.56
N SER A 34 -10.55 -17.31 20.99
CA SER A 34 -10.57 -17.04 19.53
C SER A 34 -10.34 -15.56 19.22
N ALA A 35 -9.38 -15.28 18.32
CA ALA A 35 -9.06 -13.90 17.93
C ALA A 35 -10.22 -13.30 17.16
N ASP A 36 -10.77 -14.04 16.19
CA ASP A 36 -11.92 -13.53 15.42
C ASP A 36 -13.17 -13.33 16.24
N LYS A 37 -13.37 -14.13 17.29
CA LYS A 37 -14.57 -13.94 18.08
C LYS A 37 -14.40 -12.62 18.84
N ILE A 38 -13.28 -12.48 19.55
CA ILE A 38 -12.95 -11.21 20.17
C ILE A 38 -13.12 -10.03 19.19
N ALA A 39 -12.62 -10.19 17.98
CA ALA A 39 -12.75 -9.15 16.95
C ALA A 39 -14.20 -8.81 16.63
N HIS A 40 -15.03 -9.84 16.49
CA HIS A 40 -16.40 -9.67 16.09
C HIS A 40 -17.15 -8.94 17.22
N LYS A 41 -16.77 -9.23 18.46
CA LYS A 41 -17.43 -8.64 19.64
C LYS A 41 -17.06 -7.16 19.83
N ILE A 42 -15.94 -6.71 19.25
CA ILE A 42 -15.54 -5.31 19.34
C ILE A 42 -16.54 -4.44 18.55
N LEU A 43 -16.89 -4.90 17.35
CA LEU A 43 -17.90 -4.21 16.53
C LEU A 43 -19.23 -4.03 17.25
N ASP A 44 -19.67 -5.05 18.00
CA ASP A 44 -20.93 -4.98 18.74
C ASP A 44 -20.82 -4.14 20.01
N GLU A 45 -19.70 -4.20 20.72
CA GLU A 45 -19.57 -3.36 21.94
C GLU A 45 -19.53 -1.89 21.58
N ASN A 46 -19.06 -1.58 20.36
CA ASN A 46 -18.92 -0.20 19.89
C ASN A 46 -19.83 0.03 18.72
N ALA A 47 -21.09 -0.33 18.90
CA ALA A 47 -22.06 -0.29 17.82
C ALA A 47 -22.56 1.14 17.64
N LEU A 48 -22.87 1.85 18.72
CA LEU A 48 -23.31 3.23 18.57
C LEU A 48 -22.21 4.14 18.00
N GLU A 49 -20.99 4.04 18.50
CA GLU A 49 -19.96 4.94 18.01
C GLU A 49 -19.71 4.72 16.51
N LEU A 50 -19.69 3.46 16.10
CA LEU A 50 -19.49 3.10 14.70
C LEU A 50 -20.60 3.67 13.78
N GLU A 51 -21.84 3.58 14.22
CA GLU A 51 -22.92 4.22 13.47
C GLU A 51 -22.59 5.69 13.18
N LYS A 52 -22.20 6.49 14.21
CA LYS A 52 -21.83 7.93 13.99
C LYS A 52 -20.74 8.10 12.95
N ILE A 53 -19.62 7.45 13.17
CA ILE A 53 -18.44 7.52 12.34
C ILE A 53 -18.75 7.10 10.91
N PHE A 54 -19.48 6.00 10.71
CA PHE A 54 -19.66 5.42 9.37
C PHE A 54 -20.96 5.76 8.63
N SER A 55 -22.01 6.08 9.36
CA SER A 55 -23.28 6.48 8.75
C SER A 55 -23.11 7.52 7.66
N PRO A 56 -22.20 8.51 7.83
CA PRO A 56 -22.05 9.44 6.68
C PRO A 56 -21.53 8.85 5.35
N PHE A 57 -21.23 7.55 5.31
CA PHE A 57 -20.77 6.89 4.07
C PHE A 57 -21.90 6.22 3.31
N SER A 58 -23.04 6.05 3.96
CA SER A 58 -24.16 5.34 3.39
C SER A 58 -25.43 6.08 3.72
N LEU A 59 -26.46 5.82 2.91
CA LEU A 59 -27.81 6.27 3.20
C LEU A 59 -28.49 5.21 4.05
N LYS A 60 -27.93 4.01 4.05
CA LYS A 60 -28.53 2.87 4.73
C LYS A 60 -28.29 2.99 6.23
N ASN A 61 -28.74 1.98 6.97
CA ASN A 61 -28.53 1.99 8.39
C ASN A 61 -27.50 0.97 8.75
N LEU A 62 -26.60 1.37 9.62
CA LEU A 62 -25.62 0.47 10.15
C LEU A 62 -26.24 -0.41 11.21
N LEU A 63 -27.04 0.21 12.08
CA LEU A 63 -27.69 -0.49 13.17
C LEU A 63 -28.84 -1.38 12.65
N LYS A 64 -28.78 -2.65 13.04
CA LYS A 64 -29.69 -3.71 12.58
C LYS A 64 -30.89 -3.81 13.49
N LYS A 65 -30.63 -3.80 14.79
CA LYS A 65 -31.69 -3.89 15.77
C LYS A 65 -31.22 -3.16 17.02
N GLU A 66 -30.96 -3.91 18.09
CA GLU A 66 -30.78 -3.29 19.40
C GLU A 66 -29.31 -3.11 19.66
N LYS A 67 -28.81 -2.00 19.14
CA LYS A 67 -27.40 -1.67 19.23
C LYS A 67 -26.53 -2.83 18.72
N LYS A 68 -26.88 -3.31 17.53
CA LYS A 68 -26.09 -4.31 16.83
C LYS A 68 -25.67 -3.73 15.48
N ILE A 69 -24.52 -4.15 14.97
CA ILE A 69 -23.95 -3.61 13.71
C ILE A 69 -24.30 -4.54 12.56
N ASP A 70 -24.86 -3.97 11.50
CA ASP A 70 -25.07 -4.70 10.26
C ASP A 70 -23.69 -4.86 9.62
N ARG A 71 -23.11 -6.05 9.77
CA ARG A 71 -21.75 -6.34 9.31
C ARG A 71 -21.65 -6.44 7.79
N LYS A 72 -22.78 -6.72 7.13
CA LYS A 72 -22.81 -6.78 5.67
C LYS A 72 -22.60 -5.39 5.08
N ILE A 73 -23.42 -4.46 5.53
CA ILE A 73 -23.31 -3.06 5.15
C ILE A 73 -21.93 -2.48 5.50
N LEU A 74 -21.46 -2.68 6.73
CA LEU A 74 -20.18 -2.10 7.13
C LEU A 74 -19.06 -2.56 6.22
N GLY A 75 -19.03 -3.87 5.92
CA GLY A 75 -18.09 -4.40 4.93
C GLY A 75 -18.26 -3.84 3.51
N GLU A 76 -19.49 -3.52 3.10
CA GLU A 76 -19.68 -2.89 1.81
C GLU A 76 -19.10 -1.50 1.83
N ILE A 77 -19.24 -0.81 2.96
CA ILE A 77 -18.74 0.55 3.06
C ILE A 77 -17.22 0.55 2.90
N VAL A 78 -16.56 -0.29 3.69
CA VAL A 78 -15.09 -0.31 3.73
C VAL A 78 -14.52 -0.96 2.45
N PHE A 79 -15.29 -1.82 1.81
CA PHE A 79 -14.83 -2.31 0.52
C PHE A 79 -14.93 -1.18 -0.53
N ASN A 80 -16.01 -0.41 -0.50
CA ASN A 80 -16.19 0.73 -1.45
C ASN A 80 -15.45 2.01 -1.13
N ASN A 81 -14.88 2.11 0.07
CA ASN A 81 -14.32 3.37 0.50
C ASN A 81 -13.03 3.16 1.25
N LYS A 82 -11.97 3.74 0.70
CA LYS A 82 -10.62 3.70 1.27
C LYS A 82 -10.54 4.41 2.63
N GLU A 83 -11.25 5.51 2.75
CA GLU A 83 -11.23 6.30 3.96
C GLU A 83 -11.92 5.53 5.05
N ALA A 84 -13.02 4.87 4.71
CA ALA A 84 -13.78 4.07 5.69
C ALA A 84 -12.92 2.93 6.19
N LYS A 85 -12.25 2.27 5.27
CA LYS A 85 -11.39 1.19 5.62
C LYS A 85 -10.32 1.62 6.60
N LYS A 86 -9.63 2.72 6.33
CA LYS A 86 -8.55 3.11 7.23
C LYS A 86 -9.14 3.47 8.58
N ILE A 87 -10.29 4.14 8.60
CA ILE A 87 -10.85 4.52 9.89
C ILE A 87 -11.18 3.27 10.69
N LEU A 88 -11.79 2.27 10.04
CA LEU A 88 -12.13 1.06 10.73
C LEU A 88 -10.89 0.37 11.32
N GLU A 89 -9.87 0.20 10.49
CA GLU A 89 -8.61 -0.37 10.96
C GLU A 89 -8.12 0.37 12.21
N ASN A 90 -8.05 1.69 12.17
CA ASN A 90 -7.50 2.42 13.29
C ASN A 90 -8.46 2.44 14.46
N PHE A 91 -9.74 2.35 14.15
CA PHE A 91 -10.73 2.21 15.22
C PHE A 91 -10.58 0.93 16.01
N THR A 92 -10.37 -0.20 15.32
CA THR A 92 -10.52 -1.53 15.91
C THR A 92 -9.21 -2.08 16.48
N HIS A 93 -8.12 -1.87 15.76
CA HIS A 93 -6.83 -2.41 16.12
C HIS A 93 -6.47 -2.28 17.61
N PRO A 94 -6.48 -1.05 18.16
CA PRO A 94 -6.11 -1.00 19.59
C PRO A 94 -7.13 -1.69 20.53
N LYS A 95 -8.39 -1.72 20.13
CA LYS A 95 -9.44 -2.38 20.92
C LYS A 95 -9.32 -3.88 20.88
N ILE A 96 -8.94 -4.40 19.71
CA ILE A 96 -8.72 -5.84 19.59
C ILE A 96 -7.45 -6.24 20.39
N ARG A 97 -6.37 -5.48 20.17
CA ARG A 97 -5.09 -5.67 20.84
C ARG A 97 -5.18 -5.68 22.37
N ALA A 98 -6.00 -4.84 22.96
CA ALA A 98 -6.09 -4.76 24.45
C ALA A 98 -7.01 -5.81 25.01
N LYS A 99 -8.06 -6.16 24.26
CA LYS A 99 -8.94 -7.27 24.64
C LYS A 99 -8.29 -8.65 24.44
N ILE A 100 -7.46 -8.81 23.42
CA ILE A 100 -6.74 -10.06 23.31
C ILE A 100 -5.74 -10.16 24.46
N LEU A 101 -5.03 -9.07 24.73
CA LEU A 101 -4.01 -9.03 25.79
C LEU A 101 -4.61 -8.95 27.18
N GLU A 102 -5.91 -8.71 27.25
CA GLU A 102 -6.64 -8.79 28.53
C GLU A 102 -6.81 -10.26 28.91
N GLN A 103 -7.42 -11.01 28.01
CA GLN A 103 -7.72 -12.41 28.21
C GLN A 103 -6.50 -13.37 28.18
N MSE A 104 -5.32 -12.88 27.77
CA MSE A 104 -4.12 -13.75 27.79
C MSE A 104 -3.28 -13.62 29.06
O MSE A 104 -2.40 -14.47 29.31
CB MSE A 104 -3.19 -13.42 26.64
CG MSE A 104 -3.71 -13.88 25.29
SE MSE A 104 -2.40 -13.24 23.98
CE MSE A 104 -0.93 -14.48 24.36
N GLN A 105 -3.50 -12.55 29.82
CA GLN A 105 -2.82 -12.31 31.09
C GLN A 105 -3.65 -12.97 32.19
N ILE A 106 -4.92 -13.25 31.92
CA ILE A 106 -5.74 -14.03 32.85
C ILE A 106 -5.23 -15.49 32.91
N LEU A 107 -5.07 -16.10 31.74
CA LEU A 107 -4.77 -17.50 31.64
C LEU A 107 -3.29 -17.78 31.88
N ASP A 108 -2.43 -16.77 31.67
CA ASP A 108 -0.98 -16.96 31.92
C ASP A 108 -0.67 -17.11 33.41
N LYS A 109 -1.40 -16.36 34.23
CA LYS A 109 -1.23 -16.42 35.68
C LYS A 109 -1.94 -17.65 36.23
N GLU A 110 -2.98 -18.08 35.51
CA GLU A 110 -3.66 -19.35 35.75
C GLU A 110 -2.74 -20.56 35.54
N ASN A 111 -1.49 -20.30 35.16
CA ASN A 111 -0.40 -21.28 35.16
C ASN A 111 -0.64 -22.61 34.46
N LYS A 112 -1.55 -22.64 33.50
CA LYS A 112 -1.72 -23.80 32.62
C LYS A 112 -1.59 -23.31 31.17
N ALA A 113 -1.02 -24.14 30.29
CA ALA A 113 -0.87 -23.81 28.88
C ALA A 113 -2.21 -23.53 28.25
N PHE A 114 -2.22 -22.52 27.36
CA PHE A 114 -3.40 -22.08 26.61
C PHE A 114 -3.07 -21.62 25.18
N PHE A 115 -4.10 -21.65 24.33
CA PHE A 115 -3.99 -21.42 22.89
C PHE A 115 -4.88 -20.28 22.37
N VAL A 116 -4.25 -19.28 21.78
CA VAL A 116 -4.95 -18.17 21.12
C VAL A 116 -5.09 -18.56 19.66
N GLU A 117 -6.26 -18.99 19.29
CA GLU A 117 -6.50 -19.24 17.88
C GLU A 117 -6.41 -17.90 17.15
N ILE A 118 -5.71 -17.84 16.03
CA ILE A 118 -5.56 -16.56 15.29
C ILE A 118 -5.35 -16.74 13.79
N PRO A 119 -6.12 -16.01 12.95
CA PRO A 119 -5.86 -15.98 11.49
C PRO A 119 -4.47 -15.53 11.14
N LEU A 120 -3.83 -16.26 10.23
CA LEU A 120 -2.40 -16.08 9.98
C LEU A 120 -2.03 -14.63 9.78
N PHE A 121 -2.81 -13.87 8.99
CA PHE A 121 -2.44 -12.46 8.71
C PHE A 121 -3.26 -11.45 9.52
N PHE A 122 -3.35 -11.67 10.83
CA PHE A 122 -4.19 -10.86 11.70
C PHE A 122 -3.45 -9.62 11.96
N GLU A 123 -4.20 -8.55 12.21
CA GLU A 123 -3.68 -7.22 12.09
C GLU A 123 -3.27 -6.54 13.37
N SER A 124 -4.07 -6.66 14.41
CA SER A 124 -4.06 -5.65 15.48
C SER A 124 -2.79 -5.50 16.36
N GLY A 125 -1.68 -6.08 15.92
CA GLY A 125 -0.40 -5.90 16.57
C GLY A 125 0.56 -6.99 16.16
N ALA A 126 1.78 -6.90 16.65
CA ALA A 126 2.81 -7.93 16.42
C ALA A 126 2.82 -8.88 17.61
N TYR A 127 2.12 -10.01 17.47
CA TYR A 127 1.88 -10.94 18.57
C TYR A 127 2.99 -11.98 18.78
N GLU A 128 4.06 -11.90 18.00
CA GLU A 128 5.15 -12.90 18.08
C GLU A 128 5.94 -12.80 19.39
N ASN A 129 5.91 -11.61 19.99
CA ASN A 129 6.73 -11.28 21.14
C ASN A 129 6.04 -11.63 22.44
N LEU A 130 4.75 -11.96 22.36
CA LEU A 130 3.94 -12.26 23.53
C LEU A 130 4.13 -13.71 23.97
N GLY A 131 4.33 -14.63 23.02
CA GLY A 131 4.45 -16.04 23.32
C GLY A 131 5.06 -16.83 22.18
N LYS A 132 4.63 -18.08 22.04
CA LYS A 132 5.09 -18.96 20.97
C LYS A 132 4.05 -19.23 19.86
N VAL A 133 4.55 -19.34 18.64
CA VAL A 133 3.70 -19.39 17.49
C VAL A 133 3.74 -20.78 16.87
N ILE A 134 2.55 -21.34 16.70
CA ILE A 134 2.36 -22.69 16.15
C ILE A 134 1.69 -22.56 14.80
N VAL A 135 2.42 -22.88 13.75
CA VAL A 135 1.83 -22.79 12.44
C VAL A 135 1.57 -24.18 11.91
N ILE A 136 0.31 -24.40 11.54
CA ILE A 136 -0.06 -25.59 10.81
C ILE A 136 0.00 -25.30 9.34
N TYR A 137 0.96 -25.97 8.70
CA TYR A 137 1.38 -25.70 7.35
C TYR A 137 1.01 -26.86 6.42
N THR A 138 0.43 -26.52 5.27
CA THR A 138 0.23 -27.46 4.16
C THR A 138 1.00 -27.01 2.90
N PRO A 139 2.18 -27.57 2.64
CA PRO A 139 2.97 -27.12 1.48
C PRO A 139 2.16 -27.11 0.20
N LYS A 140 2.54 -26.26 -0.75
CA LYS A 140 1.82 -26.13 -2.03
C LYS A 140 2.80 -25.94 -3.18
N GLU A 141 2.41 -26.38 -4.37
CA GLU A 141 3.27 -26.13 -5.51
C GLU A 141 3.09 -24.66 -5.91
N LEU A 142 4.20 -23.93 -5.89
CA LEU A 142 4.20 -22.53 -6.22
C LEU A 142 4.43 -22.41 -7.72
N SER A 143 3.59 -23.11 -8.48
CA SER A 143 3.63 -23.12 -9.92
C SER A 143 2.32 -22.62 -10.43
N LEU A 144 2.36 -21.54 -11.19
CA LEU A 144 1.16 -20.98 -11.74
C LEU A 144 0.36 -22.00 -12.56
N LYS A 145 1.04 -22.65 -13.50
CA LYS A 145 0.38 -23.44 -14.55
C LYS A 145 -0.29 -24.67 -13.94
N ARG A 146 0.37 -25.26 -12.96
CA ARG A 146 -0.19 -26.38 -12.26
C ARG A 146 -1.39 -25.99 -11.40
N ILE A 147 -1.55 -24.71 -11.09
CA ILE A 147 -2.74 -24.26 -10.35
C ILE A 147 -3.95 -24.07 -11.27
N MSE A 148 -3.72 -23.62 -12.49
CA MSE A 148 -4.81 -23.42 -13.47
C MSE A 148 -5.38 -24.76 -13.87
O MSE A 148 -6.58 -24.91 -13.89
CB MSE A 148 -4.35 -22.64 -14.73
CG MSE A 148 -4.13 -21.18 -14.39
SE MSE A 148 -2.98 -20.30 -15.73
CE MSE A 148 -4.32 -20.13 -17.15
N GLN A 149 -4.52 -25.73 -14.20
CA GLN A 149 -4.94 -27.13 -14.46
C GLN A 149 -5.76 -27.73 -13.32
N ARG A 150 -5.08 -28.04 -12.22
CA ARG A 150 -5.65 -28.74 -11.07
C ARG A 150 -6.90 -28.03 -10.55
N ASP A 151 -6.78 -26.72 -10.31
CA ASP A 151 -7.84 -25.99 -9.62
C ASP A 151 -8.81 -25.36 -10.60
N LYS A 152 -8.58 -25.52 -11.90
CA LYS A 152 -9.49 -25.04 -12.97
C LYS A 152 -9.77 -23.53 -12.95
N LEU A 153 -8.71 -22.72 -12.95
CA LEU A 153 -8.87 -21.26 -12.82
C LEU A 153 -8.25 -20.48 -13.96
N SER A 154 -8.69 -19.24 -14.08
CA SER A 154 -8.08 -18.27 -14.98
C SER A 154 -6.73 -17.78 -14.42
N LEU A 155 -5.96 -17.18 -15.30
CA LEU A 155 -4.72 -16.53 -14.93
C LEU A 155 -4.87 -15.70 -13.71
N GLU A 156 -5.93 -14.88 -13.70
CA GLU A 156 -6.14 -13.89 -12.65
C GLU A 156 -6.32 -14.53 -11.29
N ALA A 157 -7.23 -15.48 -11.21
CA ALA A 157 -7.50 -16.16 -9.96
C ALA A 157 -6.29 -17.03 -9.51
N ALA A 158 -5.59 -17.61 -10.46
CA ALA A 158 -4.41 -18.37 -10.14
C ALA A 158 -3.37 -17.47 -9.50
N LYS A 159 -3.26 -16.26 -10.01
CA LYS A 159 -2.29 -15.28 -9.51
C LYS A 159 -2.57 -15.03 -8.06
N ALA A 160 -3.84 -14.82 -7.75
CA ALA A 160 -4.28 -14.54 -6.38
C ALA A 160 -3.91 -15.68 -5.43
N ARG A 161 -4.26 -16.89 -5.87
CA ARG A 161 -4.03 -18.02 -5.08
C ARG A 161 -2.55 -18.20 -4.84
N LEU A 162 -1.77 -18.09 -5.90
CA LEU A 162 -0.30 -18.22 -5.82
C LEU A 162 0.34 -17.18 -4.91
N ASP A 163 -0.12 -15.95 -5.02
CA ASP A 163 0.47 -14.90 -4.19
C ASP A 163 0.23 -15.17 -2.72
N SER A 164 -0.95 -15.66 -2.39
CA SER A 164 -1.27 -15.85 -0.99
C SER A 164 -0.44 -16.99 -0.46
N GLN A 165 -0.34 -18.07 -1.22
CA GLN A 165 0.57 -19.16 -0.84
C GLN A 165 1.97 -18.66 -0.63
N ILE A 166 2.48 -17.79 -1.52
CA ILE A 166 3.85 -17.31 -1.30
C ILE A 166 3.98 -16.54 0.00
N ASP A 167 3.03 -15.63 0.22
CA ASP A 167 2.97 -14.90 1.46
C ASP A 167 2.88 -15.86 2.70
N ILE A 168 2.02 -16.89 2.64
CA ILE A 168 1.96 -17.90 3.71
C ILE A 168 3.35 -18.47 4.05
N GLU A 169 4.09 -18.92 3.04
CA GLU A 169 5.43 -19.43 3.28
C GLU A 169 6.34 -18.40 3.92
N GLU A 170 6.22 -17.14 3.48
CA GLU A 170 6.94 -16.05 4.15
C GLU A 170 6.67 -15.97 5.63
N LYS A 171 5.44 -16.23 6.03
CA LYS A 171 5.09 -16.05 7.44
C LYS A 171 5.78 -17.07 8.38
N LEU A 172 6.26 -18.19 7.85
CA LEU A 172 6.87 -19.23 8.69
C LEU A 172 8.20 -18.77 9.28
N LYS A 173 8.92 -17.95 8.54
CA LYS A 173 10.13 -17.29 9.05
C LYS A 173 9.95 -16.74 10.47
N LYS A 174 8.70 -16.57 10.91
CA LYS A 174 8.39 -16.11 12.27
C LYS A 174 7.65 -17.12 13.19
N ALA A 175 7.41 -18.33 12.73
CA ALA A 175 6.95 -19.45 13.60
C ALA A 175 8.05 -20.06 14.48
N ASP A 176 7.67 -20.47 15.70
CA ASP A 176 8.53 -21.31 16.55
C ASP A 176 8.35 -22.80 16.23
N PHE A 177 7.11 -23.19 15.97
CA PHE A 177 6.75 -24.59 15.80
C PHE A 177 5.84 -24.76 14.59
N ILE A 178 6.29 -25.57 13.65
CA ILE A 178 5.58 -25.87 12.43
C ILE A 178 5.10 -27.31 12.48
N ILE A 179 3.80 -27.50 12.41
CA ILE A 179 3.19 -28.81 12.24
C ILE A 179 2.81 -29.02 10.78
N LYS A 180 3.57 -29.87 10.09
CA LYS A 180 3.29 -30.27 8.69
C LYS A 180 1.85 -30.79 8.62
N ASN A 181 1.32 -30.98 7.42
CA ASN A 181 -0.08 -31.37 7.26
C ASN A 181 -0.30 -31.84 5.85
N THR A 182 0.58 -32.74 5.41
CA THR A 182 0.61 -33.18 4.04
C THR A 182 -0.20 -34.44 3.85
N ASN A 183 -0.25 -35.26 4.90
CA ASN A 183 -0.82 -36.59 4.75
C ASN A 183 -2.31 -36.56 5.13
N SER A 184 -2.88 -37.70 5.47
CA SER A 184 -4.32 -37.83 5.74
C SER A 184 -4.83 -37.07 6.96
N TYR A 185 -6.15 -37.00 7.08
CA TYR A 185 -6.83 -36.39 8.23
C TYR A 185 -6.29 -36.98 9.52
N ALA A 186 -6.36 -38.30 9.57
CA ALA A 186 -6.08 -39.10 10.75
C ALA A 186 -4.69 -38.82 11.28
N ASP A 187 -3.74 -38.87 10.35
CA ASP A 187 -2.34 -38.63 10.67
C ASP A 187 -2.15 -37.20 11.20
N PHE A 188 -2.84 -36.23 10.61
CA PHE A 188 -2.73 -34.86 11.09
C PHE A 188 -3.19 -34.77 12.54
N ARG A 189 -4.32 -35.40 12.85
CA ARG A 189 -4.86 -35.37 14.21
C ARG A 189 -3.90 -35.95 15.24
N GLN A 190 -3.16 -37.00 14.87
CA GLN A 190 -2.24 -37.63 15.81
C GLN A 190 -1.18 -36.61 16.19
N GLU A 191 -0.67 -35.93 15.15
CA GLU A 191 0.43 -34.98 15.31
C GLU A 191 0.06 -33.87 16.30
N CYS A 192 -1.16 -33.38 16.19
CA CYS A 192 -1.63 -32.39 17.14
C CYS A 192 -1.41 -32.90 18.56
N VAL A 193 -1.85 -34.14 18.81
CA VAL A 193 -1.76 -34.72 20.14
C VAL A 193 -0.29 -34.85 20.59
N LYS A 194 0.60 -35.27 19.69
CA LYS A 194 2.02 -35.34 20.02
C LYS A 194 2.56 -33.97 20.49
N VAL A 195 2.22 -32.89 19.78
CA VAL A 195 2.68 -31.55 20.14
C VAL A 195 2.02 -31.07 21.42
N ILE A 196 0.70 -31.17 21.49
CA ILE A 196 -0.02 -30.74 22.68
C ILE A 196 0.47 -31.45 23.94
N GLN A 197 0.77 -32.74 23.82
CA GLN A 197 1.45 -33.48 24.88
C GLN A 197 2.80 -32.85 25.21
N GLU A 198 3.65 -32.67 24.21
CA GLU A 198 5.01 -32.15 24.43
C GLU A 198 4.97 -30.81 25.15
N ILE A 199 3.98 -30.02 24.78
CA ILE A 199 3.66 -28.81 25.49
C ILE A 199 3.14 -29.10 26.90
N SER A 200 2.21 -30.06 27.00
CA SER A 200 1.59 -30.46 28.30
C SER A 200 2.62 -30.76 29.41
N LYS A 201 3.71 -31.44 29.03
CA LYS A 201 4.83 -31.69 29.93
C LYS A 201 5.70 -30.45 30.20
N GLY A 202 5.33 -29.29 29.64
CA GLY A 202 6.24 -28.15 29.59
C GLY A 202 7.57 -28.44 28.90
N ASN A 203 7.57 -29.44 28.02
CA ASN A 203 8.81 -29.92 27.38
C ASN A 203 9.23 -29.02 26.21
N MSE A 204 8.30 -28.19 25.75
CA MSE A 204 8.48 -27.39 24.54
C MSE A 204 8.54 -25.92 24.92
O MSE A 204 9.16 -25.63 25.95
OXT MSE A 204 8.00 -25.03 24.22
CB MSE A 204 7.30 -27.69 23.62
CG MSE A 204 7.66 -28.88 22.76
SE MSE A 204 6.61 -28.78 21.09
CE MSE A 204 7.96 -29.69 20.00
N ALA B 3 -11.57 14.34 -24.74
CA ALA B 3 -11.54 12.92 -25.21
C ALA B 3 -12.96 12.35 -25.20
N MSE B 4 -13.59 12.41 -24.02
CA MSE B 4 -15.00 12.10 -23.86
C MSE B 4 -15.70 13.36 -23.44
O MSE B 4 -15.72 13.71 -22.26
CB MSE B 4 -15.22 11.03 -22.81
CG MSE B 4 -14.73 9.74 -23.44
SE MSE B 4 -15.01 8.29 -22.18
CE MSE B 4 -13.30 8.27 -21.22
N LYS B 5 -16.25 14.03 -24.44
CA LYS B 5 -16.93 15.32 -24.29
C LYS B 5 -18.13 15.29 -23.33
N ASN B 6 -18.84 14.15 -23.27
CA ASN B 6 -20.07 14.02 -22.51
C ASN B 6 -19.89 13.55 -21.04
N ALA B 7 -18.65 13.28 -20.63
CA ALA B 7 -18.41 12.67 -19.33
C ALA B 7 -18.20 13.70 -18.24
N PHE B 8 -19.02 13.57 -17.20
CA PHE B 8 -18.98 14.41 -16.04
C PHE B 8 -18.78 13.56 -14.78
N PHE B 9 -17.76 13.89 -13.99
CA PHE B 9 -17.40 13.13 -12.80
C PHE B 9 -17.94 13.86 -11.61
N VAL B 10 -18.72 13.17 -10.80
CA VAL B 10 -19.27 13.73 -9.58
C VAL B 10 -18.51 13.25 -8.34
N THR B 11 -18.09 14.18 -7.50
CA THR B 11 -17.53 13.89 -6.19
C THR B 11 -18.07 14.89 -5.17
N ALA B 12 -18.41 14.39 -3.97
CA ALA B 12 -19.03 15.20 -2.91
C ALA B 12 -18.26 15.17 -1.58
N SER B 13 -18.42 16.24 -0.80
CA SER B 13 -17.86 16.30 0.55
C SER B 13 -18.57 15.36 1.50
N ILE B 14 -19.91 15.22 1.37
CA ILE B 14 -20.68 14.16 2.06
C ILE B 14 -21.45 13.29 1.08
N ALA B 15 -21.53 11.99 1.39
CA ALA B 15 -22.20 11.00 0.53
C ALA B 15 -23.56 11.42 0.00
N CYS B 16 -24.34 12.13 0.79
CA CYS B 16 -25.72 12.34 0.41
C CYS B 16 -25.87 13.46 -0.61
N GLY B 17 -24.90 14.36 -0.63
CA GLY B 17 -24.84 15.33 -1.70
C GLY B 17 -24.70 14.62 -3.02
N LYS B 18 -23.83 13.62 -3.04
CA LYS B 18 -23.58 12.87 -4.27
C LYS B 18 -24.83 12.11 -4.69
N SER B 19 -25.52 11.49 -3.74
CA SER B 19 -26.66 10.68 -4.17
C SER B 19 -27.88 11.54 -4.58
N THR B 20 -28.01 12.71 -3.98
CA THR B 20 -29.12 13.57 -4.28
C THR B 20 -28.98 14.02 -5.72
N PHE B 21 -27.77 14.41 -6.08
CA PHE B 21 -27.45 14.99 -7.38
C PHE B 21 -27.61 13.96 -8.48
N ILE B 22 -27.12 12.77 -8.23
CA ILE B 22 -27.31 11.66 -9.17
C ILE B 22 -28.79 11.29 -9.32
N GLU B 23 -29.55 11.31 -8.23
CA GLU B 23 -30.97 11.00 -8.29
C GLU B 23 -31.67 12.03 -9.18
N ILE B 24 -31.31 13.31 -8.98
CA ILE B 24 -31.96 14.39 -9.69
C ILE B 24 -31.61 14.29 -11.17
N ALA B 25 -30.37 13.91 -11.42
CA ALA B 25 -29.91 13.77 -12.79
C ALA B 25 -30.57 12.55 -13.42
N ASN B 26 -30.79 11.49 -12.64
CA ASN B 26 -31.48 10.31 -13.19
C ASN B 26 -32.93 10.61 -13.52
N SER B 27 -33.59 11.44 -12.71
CA SER B 27 -34.98 11.77 -12.94
C SER B 27 -35.14 12.66 -14.20
N LEU B 28 -34.11 13.43 -14.54
CA LEU B 28 -34.13 14.31 -15.73
C LEU B 28 -33.65 13.63 -17.01
N GLY B 29 -33.28 12.36 -16.92
CA GLY B 29 -33.05 11.57 -18.12
C GLY B 29 -31.60 11.40 -18.46
N PHE B 30 -30.73 11.48 -17.47
CA PHE B 30 -29.32 11.32 -17.74
C PHE B 30 -28.84 10.10 -17.01
N LYS B 31 -28.07 9.31 -17.74
CA LYS B 31 -27.60 8.06 -17.26
C LYS B 31 -26.44 8.27 -16.30
N SER B 32 -26.10 7.25 -15.52
CA SER B 32 -25.04 7.42 -14.53
C SER B 32 -24.26 6.14 -14.31
N ILE B 33 -23.04 6.29 -13.88
CA ILE B 33 -22.23 5.13 -13.61
C ILE B 33 -21.87 5.10 -12.15
N SER B 34 -22.21 4.01 -11.50
CA SER B 34 -21.94 3.85 -10.07
C SER B 34 -20.75 2.92 -9.92
N ALA B 35 -19.68 3.41 -9.30
CA ALA B 35 -18.52 2.56 -9.00
C ALA B 35 -18.95 1.41 -8.08
N ASP B 36 -19.71 1.75 -7.03
CA ASP B 36 -20.14 0.80 -6.02
C ASP B 36 -20.95 -0.35 -6.64
N LYS B 37 -21.81 -0.02 -7.59
CA LYS B 37 -22.60 -1.01 -8.32
C LYS B 37 -21.78 -1.89 -9.26
N ILE B 38 -20.85 -1.28 -9.99
CA ILE B 38 -19.96 -2.05 -10.84
C ILE B 38 -19.22 -3.07 -9.96
N ALA B 39 -18.69 -2.64 -8.83
CA ALA B 39 -17.92 -3.54 -8.00
C ALA B 39 -18.83 -4.70 -7.55
N HIS B 40 -19.99 -4.36 -7.02
CA HIS B 40 -20.97 -5.35 -6.65
C HIS B 40 -21.14 -6.42 -7.72
N LYS B 41 -21.28 -6.00 -8.98
CA LYS B 41 -21.50 -6.89 -10.13
C LYS B 41 -20.29 -7.76 -10.47
N ILE B 42 -19.09 -7.23 -10.23
CA ILE B 42 -17.83 -7.96 -10.43
C ILE B 42 -17.76 -9.12 -9.45
N LEU B 43 -18.14 -8.85 -8.20
CA LEU B 43 -18.15 -9.90 -7.20
C LEU B 43 -19.11 -11.03 -7.59
N ASP B 44 -20.32 -10.72 -8.03
CA ASP B 44 -21.25 -11.79 -8.43
C ASP B 44 -20.78 -12.43 -9.75
N GLU B 45 -20.21 -11.63 -10.64
CA GLU B 45 -19.65 -12.17 -11.87
C GLU B 45 -18.57 -13.23 -11.64
N ASN B 46 -17.85 -13.15 -10.51
CA ASN B 46 -16.69 -14.00 -10.34
C ASN B 46 -16.81 -14.87 -9.13
N ALA B 47 -18.04 -15.12 -8.74
CA ALA B 47 -18.33 -15.80 -7.53
C ALA B 47 -17.60 -17.13 -7.48
N LEU B 48 -17.62 -17.90 -8.54
CA LEU B 48 -17.00 -19.23 -8.49
C LEU B 48 -15.52 -19.16 -8.20
N GLU B 49 -14.81 -18.29 -8.91
CA GLU B 49 -13.38 -18.16 -8.68
C GLU B 49 -13.10 -17.62 -7.28
N LEU B 50 -13.98 -16.77 -6.79
CA LEU B 50 -13.76 -16.18 -5.49
C LEU B 50 -13.82 -17.20 -4.40
N GLU B 51 -14.70 -18.21 -4.52
CA GLU B 51 -14.82 -19.21 -3.48
C GLU B 51 -13.58 -20.06 -3.52
N LYS B 52 -13.04 -20.30 -4.69
CA LYS B 52 -11.82 -21.11 -4.79
C LYS B 52 -10.60 -20.38 -4.26
N ILE B 53 -10.54 -19.05 -4.46
CA ILE B 53 -9.45 -18.27 -3.87
C ILE B 53 -9.62 -18.22 -2.36
N PHE B 54 -10.84 -17.98 -1.90
CA PHE B 54 -11.06 -17.68 -0.51
C PHE B 54 -11.51 -18.83 0.40
N SER B 55 -11.78 -20.02 -0.13
CA SER B 55 -12.21 -21.10 0.76
C SER B 55 -11.14 -21.47 1.82
N PRO B 56 -9.82 -21.42 1.46
CA PRO B 56 -8.86 -21.67 2.55
C PRO B 56 -8.77 -20.60 3.67
N PHE B 57 -9.46 -19.46 3.54
CA PHE B 57 -9.48 -18.49 4.60
C PHE B 57 -10.61 -18.75 5.62
N SER B 58 -11.62 -19.55 5.27
CA SER B 58 -12.80 -19.69 6.15
C SER B 58 -13.45 -21.04 6.02
N LEU B 59 -14.04 -21.52 7.10
CA LEU B 59 -14.65 -22.82 7.13
C LEU B 59 -16.06 -22.71 6.56
N LYS B 60 -16.53 -21.49 6.35
CA LYS B 60 -17.89 -21.26 5.95
C LYS B 60 -18.06 -21.45 4.46
N ASN B 61 -19.31 -21.59 4.03
CA ASN B 61 -19.63 -21.58 2.61
C ASN B 61 -19.68 -20.13 2.15
N LEU B 62 -18.96 -19.81 1.08
CA LEU B 62 -18.86 -18.45 0.55
C LEU B 62 -19.89 -18.16 -0.54
N LEU B 63 -20.66 -19.18 -0.93
CA LEU B 63 -21.71 -19.03 -1.94
C LEU B 63 -23.12 -19.24 -1.36
N LYS B 64 -24.05 -18.39 -1.77
CA LYS B 64 -25.47 -18.51 -1.43
C LYS B 64 -26.14 -19.52 -2.37
N LYS B 65 -27.47 -19.65 -2.29
CA LYS B 65 -28.24 -20.34 -3.33
C LYS B 65 -28.21 -19.54 -4.62
N GLU B 66 -28.28 -20.25 -5.75
CA GLU B 66 -28.17 -19.65 -7.08
C GLU B 66 -26.73 -19.14 -7.31
N LYS B 67 -25.76 -19.93 -6.82
CA LYS B 67 -24.32 -19.62 -6.90
C LYS B 67 -24.02 -18.12 -6.98
N LYS B 68 -24.49 -17.42 -5.96
CA LYS B 68 -24.23 -16.00 -5.75
C LYS B 68 -23.17 -15.89 -4.67
N ILE B 69 -22.44 -14.78 -4.62
CA ILE B 69 -21.40 -14.61 -3.60
C ILE B 69 -22.05 -14.18 -2.28
N ASP B 70 -21.53 -14.68 -1.16
CA ASP B 70 -21.99 -14.22 0.16
C ASP B 70 -21.14 -13.06 0.68
N ARG B 71 -21.66 -11.84 0.50
CA ARG B 71 -20.94 -10.60 0.82
C ARG B 71 -20.85 -10.27 2.31
N LYS B 72 -21.64 -10.96 3.13
CA LYS B 72 -21.44 -10.89 4.57
C LYS B 72 -20.18 -11.66 4.90
N ILE B 73 -20.13 -12.89 4.42
CA ILE B 73 -19.03 -13.78 4.73
C ILE B 73 -17.72 -13.30 4.17
N LEU B 74 -17.76 -12.65 3.01
CA LEU B 74 -16.54 -12.14 2.41
C LEU B 74 -15.95 -10.92 3.16
N GLY B 75 -16.82 -10.17 3.85
CA GLY B 75 -16.37 -9.09 4.72
C GLY B 75 -15.83 -9.60 6.03
N GLU B 76 -16.34 -10.74 6.46
CA GLU B 76 -15.84 -11.36 7.69
C GLU B 76 -14.42 -11.91 7.48
N ILE B 77 -14.18 -12.46 6.30
CA ILE B 77 -12.88 -13.04 5.98
C ILE B 77 -11.84 -11.96 5.77
N VAL B 78 -12.28 -10.81 5.33
CA VAL B 78 -11.39 -9.67 5.01
C VAL B 78 -11.16 -8.71 6.19
N PHE B 79 -12.17 -8.57 7.02
CA PHE B 79 -12.06 -7.71 8.18
C PHE B 79 -10.85 -8.14 9.03
N ASN B 80 -9.94 -7.21 9.26
CA ASN B 80 -8.75 -7.40 10.12
C ASN B 80 -7.76 -8.46 9.59
N ASN B 81 -7.89 -8.73 8.30
CA ASN B 81 -6.99 -9.65 7.66
C ASN B 81 -6.30 -8.94 6.51
N LYS B 82 -5.05 -8.58 6.77
CA LYS B 82 -4.29 -7.81 5.83
C LYS B 82 -4.12 -8.51 4.47
N GLU B 83 -4.09 -9.84 4.46
CA GLU B 83 -3.71 -10.57 3.26
C GLU B 83 -4.94 -10.79 2.39
N ALA B 84 -6.05 -11.16 3.04
CA ALA B 84 -7.25 -11.37 2.31
C ALA B 84 -7.68 -10.10 1.63
N LYS B 85 -7.57 -8.95 2.32
CA LYS B 85 -7.81 -7.61 1.72
C LYS B 85 -6.98 -7.40 0.47
N LYS B 86 -5.68 -7.59 0.58
CA LYS B 86 -4.78 -7.36 -0.55
C LYS B 86 -5.16 -8.23 -1.73
N ILE B 87 -5.40 -9.54 -1.48
CA ILE B 87 -5.73 -10.49 -2.56
C ILE B 87 -7.03 -10.07 -3.24
N LEU B 88 -8.00 -9.66 -2.43
CA LEU B 88 -9.32 -9.28 -2.93
C LEU B 88 -9.26 -8.01 -3.75
N GLU B 89 -8.56 -7.02 -3.22
CA GLU B 89 -8.33 -5.78 -3.90
C GLU B 89 -7.53 -6.01 -5.17
N ASN B 90 -6.39 -6.67 -5.09
CA ASN B 90 -5.66 -7.00 -6.29
C ASN B 90 -6.43 -7.74 -7.39
N PHE B 91 -7.37 -8.59 -7.01
CA PHE B 91 -8.16 -9.34 -8.01
C PHE B 91 -9.31 -8.53 -8.58
N THR B 92 -9.99 -7.75 -7.74
CA THR B 92 -11.17 -7.03 -8.21
C THR B 92 -10.91 -5.65 -8.79
N HIS B 93 -10.06 -4.86 -8.14
CA HIS B 93 -9.82 -3.48 -8.57
C HIS B 93 -9.54 -3.39 -10.08
N PRO B 94 -8.65 -4.20 -10.64
CA PRO B 94 -8.49 -4.09 -12.11
C PRO B 94 -9.76 -4.27 -12.92
N LYS B 95 -10.62 -5.20 -12.51
CA LYS B 95 -11.83 -5.52 -13.24
C LYS B 95 -12.83 -4.43 -13.04
N ILE B 96 -12.85 -3.87 -11.85
CA ILE B 96 -13.71 -2.69 -11.63
C ILE B 96 -13.34 -1.53 -12.53
N ARG B 97 -12.05 -1.20 -12.60
CA ARG B 97 -11.54 -0.09 -13.41
C ARG B 97 -11.83 -0.27 -14.89
N ALA B 98 -11.61 -1.47 -15.38
CA ALA B 98 -11.91 -1.79 -16.77
C ALA B 98 -13.38 -1.66 -17.12
N LYS B 99 -14.26 -2.07 -16.22
CA LYS B 99 -15.69 -1.98 -16.49
C LYS B 99 -16.16 -0.50 -16.44
N ILE B 100 -15.66 0.25 -15.46
CA ILE B 100 -15.87 1.70 -15.43
C ILE B 100 -15.59 2.37 -16.78
N LEU B 101 -14.42 2.13 -17.36
CA LEU B 101 -14.07 2.68 -18.66
C LEU B 101 -14.87 2.10 -19.82
N GLU B 102 -14.99 0.78 -19.87
CA GLU B 102 -15.85 0.17 -20.87
C GLU B 102 -17.22 0.84 -20.86
N GLN B 103 -17.77 1.11 -19.69
CA GLN B 103 -19.10 1.73 -19.62
C GLN B 103 -19.08 3.19 -20.06
N MSE B 104 -18.19 3.99 -19.47
CA MSE B 104 -17.99 5.36 -19.90
C MSE B 104 -17.99 5.50 -21.40
O MSE B 104 -18.66 6.34 -21.94
CB MSE B 104 -16.69 5.88 -19.37
CG MSE B 104 -16.88 6.35 -17.97
SE MSE B 104 -15.15 6.94 -17.30
CE MSE B 104 -15.15 8.55 -18.43
N GLN B 105 -17.27 4.64 -22.10
CA GLN B 105 -17.14 4.76 -23.55
C GLN B 105 -18.43 4.49 -24.31
N ILE B 106 -19.22 3.57 -23.80
CA ILE B 106 -20.50 3.25 -24.42
C ILE B 106 -21.45 4.44 -24.24
N LEU B 107 -21.69 4.88 -23.03
CA LEU B 107 -22.54 6.07 -22.84
C LEU B 107 -22.07 7.30 -23.62
N ASP B 108 -20.76 7.47 -23.81
CA ASP B 108 -20.29 8.66 -24.53
C ASP B 108 -20.62 8.60 -26.02
N LYS B 109 -20.82 7.40 -26.54
CA LYS B 109 -21.27 7.20 -27.91
C LYS B 109 -22.73 7.58 -28.12
N GLU B 110 -23.51 7.64 -27.04
CA GLU B 110 -24.91 8.05 -27.11
C GLU B 110 -25.09 9.58 -27.28
N ASN B 111 -23.99 10.33 -27.20
CA ASN B 111 -23.99 11.76 -27.41
C ASN B 111 -24.99 12.47 -26.49
N LYS B 112 -24.85 12.17 -25.21
CA LYS B 112 -25.67 12.74 -24.14
C LYS B 112 -24.83 12.80 -22.88
N ALA B 113 -24.97 13.87 -22.13
CA ALA B 113 -24.19 14.07 -20.91
C ALA B 113 -24.52 12.94 -19.97
N PHE B 114 -23.48 12.40 -19.32
CA PHE B 114 -23.64 11.35 -18.32
C PHE B 114 -22.67 11.56 -17.15
N PHE B 115 -23.04 11.00 -16.00
CA PHE B 115 -22.39 11.26 -14.74
C PHE B 115 -21.75 10.02 -14.16
N VAL B 116 -20.45 10.14 -13.87
CA VAL B 116 -19.68 9.04 -13.32
C VAL B 116 -19.45 9.35 -11.88
N GLU B 117 -19.89 8.44 -10.99
CA GLU B 117 -19.63 8.55 -9.56
C GLU B 117 -18.22 8.05 -9.35
N ILE B 118 -17.33 8.96 -9.00
CA ILE B 118 -15.93 8.61 -8.86
C ILE B 118 -15.73 7.57 -7.78
N PRO B 119 -14.96 6.51 -8.10
CA PRO B 119 -14.66 5.50 -7.11
C PRO B 119 -13.90 6.09 -5.94
N LEU B 120 -14.34 5.80 -4.73
CA LEU B 120 -13.60 6.19 -3.52
C LEU B 120 -12.71 5.07 -2.86
N PHE B 121 -12.36 4.00 -3.60
CA PHE B 121 -11.27 3.08 -3.23
C PHE B 121 -10.06 3.41 -4.13
N GLU B 128 -9.26 11.66 -13.52
CA GLU B 128 -10.30 12.64 -13.79
C GLU B 128 -9.78 13.81 -14.62
N ASN B 129 -9.13 13.48 -15.71
CA ASN B 129 -8.74 14.45 -16.70
C ASN B 129 -9.30 13.95 -18.01
N LEU B 130 -10.35 13.12 -17.88
CA LEU B 130 -10.97 12.41 -18.98
C LEU B 130 -12.34 12.95 -19.27
N GLY B 131 -12.79 13.87 -18.42
CA GLY B 131 -14.11 14.48 -18.53
C GLY B 131 -14.13 15.78 -17.73
N LYS B 132 -15.31 16.26 -17.36
CA LYS B 132 -15.38 17.44 -16.49
C LYS B 132 -15.68 17.06 -15.04
N VAL B 133 -15.43 18.00 -14.13
CA VAL B 133 -15.52 17.72 -12.71
C VAL B 133 -16.60 18.57 -12.09
N ILE B 134 -17.52 17.89 -11.42
CA ILE B 134 -18.56 18.51 -10.62
C ILE B 134 -18.18 18.16 -9.20
N VAL B 135 -17.90 19.17 -8.37
CA VAL B 135 -17.65 18.94 -6.97
C VAL B 135 -18.83 19.45 -6.15
N ILE B 136 -19.36 18.59 -5.28
CA ILE B 136 -20.55 18.88 -4.45
C ILE B 136 -20.07 19.26 -3.04
N TYR B 137 -19.81 20.54 -2.89
CA TYR B 137 -18.91 21.04 -1.85
C TYR B 137 -19.62 21.40 -0.55
N THR B 138 -19.07 20.95 0.57
CA THR B 138 -19.53 21.32 1.89
C THR B 138 -18.29 21.83 2.63
N PRO B 139 -18.16 23.14 2.79
CA PRO B 139 -16.93 23.69 3.36
C PRO B 139 -16.70 23.19 4.77
N LYS B 140 -15.43 23.16 5.17
CA LYS B 140 -15.01 22.59 6.44
C LYS B 140 -13.69 23.24 6.82
N GLU B 141 -13.54 23.64 8.09
CA GLU B 141 -12.23 24.10 8.60
C GLU B 141 -11.27 22.93 8.58
N LEU B 142 -10.36 22.93 7.59
CA LEU B 142 -9.62 21.71 7.24
C LEU B 142 -8.59 21.43 8.31
N SER B 143 -9.08 21.07 9.49
CA SER B 143 -8.24 20.96 10.68
C SER B 143 -8.39 19.60 11.33
N LEU B 144 -7.25 18.99 11.62
CA LEU B 144 -7.17 17.71 12.28
C LEU B 144 -7.71 17.79 13.70
N LYS B 145 -7.40 18.86 14.40
CA LYS B 145 -7.91 19.05 15.75
C LYS B 145 -9.46 19.03 15.77
N ARG B 146 -10.09 19.75 14.84
CA ARG B 146 -11.54 19.82 14.75
C ARG B 146 -12.13 18.45 14.39
N ILE B 147 -11.45 17.73 13.50
CA ILE B 147 -11.96 16.42 13.07
C ILE B 147 -11.94 15.40 14.20
N MSE B 148 -10.90 15.45 15.03
CA MSE B 148 -10.76 14.51 16.16
C MSE B 148 -11.81 14.69 17.23
O MSE B 148 -12.29 13.72 17.78
CB MSE B 148 -9.39 14.66 16.79
CG MSE B 148 -8.32 13.98 15.92
SE MSE B 148 -6.54 14.42 16.62
CE MSE B 148 -6.50 13.35 18.27
N GLN B 149 -12.17 15.93 17.54
CA GLN B 149 -13.17 16.17 18.59
C GLN B 149 -14.59 16.18 18.03
N ARG B 150 -14.81 16.84 16.89
CA ARG B 150 -16.14 16.88 16.31
C ARG B 150 -16.61 15.48 15.91
N ASP B 151 -15.68 14.56 15.64
CA ASP B 151 -16.01 13.20 15.16
C ASP B 151 -15.58 12.06 16.05
N LYS B 152 -14.87 12.36 17.13
CA LYS B 152 -14.43 11.33 18.04
C LYS B 152 -13.64 10.28 17.33
N LEU B 153 -12.44 10.68 16.87
CA LEU B 153 -11.50 9.81 16.15
C LEU B 153 -10.11 10.06 16.68
N SER B 154 -9.25 9.07 16.50
CA SER B 154 -7.87 9.17 16.93
C SER B 154 -7.09 9.87 15.84
N LEU B 155 -5.78 9.95 16.05
CA LEU B 155 -4.92 10.68 15.16
C LEU B 155 -4.98 10.17 13.71
N GLU B 156 -4.81 8.87 13.52
CA GLU B 156 -4.73 8.32 12.16
C GLU B 156 -6.11 8.25 11.53
N ALA B 157 -7.14 8.12 12.34
CA ALA B 157 -8.48 8.01 11.78
C ALA B 157 -8.86 9.36 11.19
N ALA B 158 -8.64 10.41 11.98
CA ALA B 158 -8.93 11.77 11.54
C ALA B 158 -8.08 12.14 10.36
N LYS B 159 -6.86 11.62 10.32
CA LYS B 159 -6.02 11.80 9.14
C LYS B 159 -6.65 11.30 7.86
N ALA B 160 -7.21 10.07 7.90
CA ALA B 160 -7.86 9.50 6.71
C ALA B 160 -9.04 10.35 6.25
N ARG B 161 -9.82 10.79 7.23
CA ARG B 161 -10.92 11.72 6.96
C ARG B 161 -10.41 13.04 6.44
N LEU B 162 -9.45 13.64 7.13
CA LEU B 162 -8.89 14.93 6.66
C LEU B 162 -8.41 14.86 5.22
N ASP B 163 -7.72 13.77 4.89
CA ASP B 163 -7.12 13.56 3.57
C ASP B 163 -8.18 13.54 2.50
N SER B 164 -9.28 12.87 2.78
CA SER B 164 -10.37 12.89 1.87
C SER B 164 -10.87 14.29 1.66
N GLN B 165 -10.84 15.09 2.72
CA GLN B 165 -11.34 16.45 2.62
C GLN B 165 -10.40 17.29 1.75
N ILE B 166 -9.11 17.00 1.79
CA ILE B 166 -8.18 17.81 1.04
C ILE B 166 -8.28 17.49 -0.45
N ASP B 167 -8.57 16.22 -0.79
CA ASP B 167 -8.73 15.76 -2.18
C ASP B 167 -9.92 16.43 -2.87
N ILE B 168 -11.01 16.61 -2.14
CA ILE B 168 -12.10 17.44 -2.62
C ILE B 168 -11.64 18.89 -2.82
N GLU B 169 -10.88 19.41 -1.87
CA GLU B 169 -10.38 20.78 -1.95
C GLU B 169 -9.38 21.00 -3.12
N GLU B 170 -8.63 19.96 -3.48
CA GLU B 170 -7.71 20.00 -4.63
C GLU B 170 -8.42 20.12 -6.01
N LYS B 171 -9.66 19.67 -6.04
CA LYS B 171 -10.45 19.62 -7.25
C LYS B 171 -11.35 20.82 -7.35
N LEU B 172 -11.45 21.61 -6.28
CA LEU B 172 -12.10 22.91 -6.34
C LEU B 172 -11.36 23.84 -7.27
N LYS B 173 -10.04 23.66 -7.32
CA LYS B 173 -9.15 24.54 -8.07
C LYS B 173 -9.62 24.58 -9.51
N LYS B 174 -9.74 23.42 -10.15
CA LYS B 174 -10.08 23.41 -11.58
C LYS B 174 -11.48 22.91 -11.95
N ALA B 175 -12.29 22.55 -10.96
CA ALA B 175 -13.64 22.07 -11.21
C ALA B 175 -14.36 22.92 -12.24
N ASP B 176 -15.33 22.31 -12.91
CA ASP B 176 -16.16 22.99 -13.91
C ASP B 176 -17.48 23.47 -13.33
N PHE B 177 -17.94 22.74 -12.32
CA PHE B 177 -19.11 23.12 -11.53
C PHE B 177 -18.80 22.82 -10.07
N ILE B 178 -19.00 23.84 -9.24
CA ILE B 178 -18.98 23.73 -7.79
C ILE B 178 -20.37 24.07 -7.32
N ILE B 179 -20.93 23.19 -6.48
CA ILE B 179 -22.29 23.31 -5.94
C ILE B 179 -22.14 23.27 -4.44
N LYS B 180 -22.47 24.37 -3.77
CA LYS B 180 -22.39 24.42 -2.31
C LYS B 180 -23.52 23.59 -1.68
N ASN B 181 -23.17 22.80 -0.67
CA ASN B 181 -24.10 21.93 0.03
C ASN B 181 -24.59 22.68 1.24
N THR B 182 -25.45 23.66 0.97
CA THR B 182 -25.73 24.81 1.84
C THR B 182 -26.02 24.48 3.31
N ASN B 183 -27.06 25.10 3.87
CA ASN B 183 -27.80 24.50 4.98
C ASN B 183 -29.26 24.22 4.64
N SER B 184 -29.79 24.78 3.55
CA SER B 184 -31.05 24.30 2.97
C SER B 184 -30.83 23.10 2.08
N TYR B 185 -31.46 21.97 2.39
CA TYR B 185 -31.51 20.88 1.41
C TYR B 185 -32.23 21.37 0.13
N ALA B 186 -33.46 21.84 0.28
CA ALA B 186 -34.32 22.17 -0.86
C ALA B 186 -33.60 22.97 -1.90
N ASP B 187 -32.87 23.98 -1.45
CA ASP B 187 -32.19 24.89 -2.39
C ASP B 187 -31.01 24.20 -3.04
N PHE B 188 -30.28 23.41 -2.26
CA PHE B 188 -29.20 22.57 -2.79
C PHE B 188 -29.72 21.73 -3.96
N ARG B 189 -30.91 21.16 -3.81
CA ARG B 189 -31.54 20.46 -4.94
C ARG B 189 -31.70 21.37 -6.15
N GLN B 190 -32.26 22.57 -5.94
CA GLN B 190 -32.39 23.55 -7.01
C GLN B 190 -31.00 23.90 -7.63
N GLU B 191 -29.99 24.03 -6.78
CA GLU B 191 -28.62 24.20 -7.25
C GLU B 191 -28.25 23.06 -8.21
N CYS B 192 -28.69 21.83 -7.92
CA CYS B 192 -28.37 20.71 -8.78
C CYS B 192 -29.01 20.88 -10.17
N VAL B 193 -30.32 21.12 -10.20
CA VAL B 193 -31.06 21.16 -11.46
C VAL B 193 -30.55 22.23 -12.42
N LYS B 194 -30.24 23.41 -11.90
CA LYS B 194 -29.70 24.48 -12.76
C LYS B 194 -28.43 23.99 -13.45
N VAL B 195 -27.53 23.35 -12.69
CA VAL B 195 -26.29 22.78 -13.22
C VAL B 195 -26.60 21.81 -14.35
N ILE B 196 -27.53 20.90 -14.09
CA ILE B 196 -27.83 19.85 -15.04
C ILE B 196 -28.50 20.38 -16.31
N GLN B 197 -29.35 21.40 -16.18
CA GLN B 197 -29.88 22.17 -17.34
C GLN B 197 -28.72 22.85 -18.08
N GLU B 198 -27.95 23.65 -17.33
CA GLU B 198 -26.70 24.22 -17.80
C GLU B 198 -25.94 23.21 -18.66
N ILE B 199 -25.77 21.99 -18.16
CA ILE B 199 -25.02 20.97 -18.89
C ILE B 199 -25.81 20.50 -20.11
N SER B 200 -27.13 20.48 -20.01
CA SER B 200 -27.99 19.91 -21.06
C SER B 200 -27.92 20.63 -22.44
N LYS B 201 -27.88 21.96 -22.44
CA LYS B 201 -27.63 22.68 -23.68
C LYS B 201 -26.14 23.03 -23.74
N GLY B 202 -25.67 23.95 -22.89
CA GLY B 202 -24.24 24.27 -22.80
C GLY B 202 -23.95 25.71 -22.44
N MSE C 4 19.23 -6.05 24.60
CA MSE C 4 20.48 -5.37 25.07
C MSE C 4 20.18 -4.16 25.88
O MSE C 4 19.08 -3.61 25.77
CB MSE C 4 21.30 -4.90 23.88
CG MSE C 4 21.72 -6.09 23.05
SE MSE C 4 22.55 -5.30 21.47
CE MSE C 4 20.95 -5.56 20.36
N LYS C 5 21.16 -3.70 26.67
CA LYS C 5 20.96 -2.72 27.76
C LYS C 5 21.58 -1.33 27.57
N ASN C 6 22.67 -1.26 26.83
CA ASN C 6 23.37 -0.02 26.53
C ASN C 6 22.98 0.56 25.19
N ALA C 7 21.98 -0.05 24.54
CA ALA C 7 21.48 0.38 23.23
C ALA C 7 20.52 1.59 23.32
N PHE C 8 20.93 2.71 22.75
CA PHE C 8 20.09 3.89 22.69
C PHE C 8 19.97 4.38 21.25
N PHE C 9 18.84 4.09 20.62
CA PHE C 9 18.57 4.65 19.31
C PHE C 9 18.40 6.15 19.47
N VAL C 10 18.86 6.91 18.50
CA VAL C 10 18.51 8.32 18.46
C VAL C 10 17.92 8.62 17.10
N THR C 11 16.65 9.04 17.10
CA THR C 11 15.99 9.46 15.87
C THR C 11 15.31 10.81 16.14
N ALA C 12 14.73 11.41 15.11
CA ALA C 12 14.30 12.80 15.24
C ALA C 12 13.32 13.25 14.17
N SER C 13 12.35 14.06 14.62
CA SER C 13 11.33 14.61 13.77
C SER C 13 11.93 15.52 12.68
N ILE C 14 13.03 16.19 13.02
CA ILE C 14 13.82 17.03 12.08
C ILE C 14 15.28 16.55 12.04
N ALA C 15 15.84 16.46 10.84
CA ALA C 15 17.08 15.71 10.66
C ALA C 15 18.24 16.26 11.43
N CYS C 16 18.23 17.58 11.66
CA CYS C 16 19.33 18.30 12.36
C CYS C 16 19.36 18.03 13.85
N GLY C 17 18.19 17.82 14.45
CA GLY C 17 18.13 17.37 15.84
C GLY C 17 18.91 16.07 15.99
N LYS C 18 18.60 15.12 15.12
CA LYS C 18 19.25 13.80 15.06
C LYS C 18 20.76 13.94 15.22
N SER C 19 21.36 14.75 14.36
CA SER C 19 22.81 14.88 14.27
C SER C 19 23.42 15.65 15.46
N THR C 20 22.82 16.78 15.84
CA THR C 20 23.37 17.59 16.96
C THR C 20 23.55 16.77 18.23
N PHE C 21 22.53 16.01 18.59
CA PHE C 21 22.66 15.13 19.74
C PHE C 21 23.81 14.16 19.53
N ILE C 22 24.07 13.78 18.29
CA ILE C 22 25.15 12.84 17.99
C ILE C 22 26.52 13.53 18.10
N GLU C 23 26.57 14.80 17.69
CA GLU C 23 27.79 15.62 17.83
C GLU C 23 28.21 15.74 19.30
N ILE C 24 27.21 15.84 20.17
CA ILE C 24 27.41 16.09 21.60
C ILE C 24 27.79 14.80 22.32
N ALA C 25 26.91 13.81 22.36
CA ALA C 25 27.27 12.50 22.87
C ALA C 25 28.69 12.05 22.47
N ASN C 26 29.12 12.38 21.24
CA ASN C 26 30.48 12.02 20.77
C ASN C 26 31.59 12.65 21.62
N SER C 27 31.54 13.97 21.76
CA SER C 27 32.50 14.70 22.56
C SER C 27 32.51 14.21 24.02
N LEU C 28 31.34 13.90 24.59
CA LEU C 28 31.31 13.44 25.98
C LEU C 28 31.81 11.99 26.14
N GLY C 29 32.58 11.50 25.17
CA GLY C 29 33.26 10.22 25.31
C GLY C 29 32.45 9.00 24.95
N PHE C 30 31.33 9.21 24.24
CA PHE C 30 30.46 8.10 23.79
C PHE C 30 30.49 7.83 22.28
N LYS C 31 30.05 6.62 21.93
CA LYS C 31 30.22 6.06 20.58
C LYS C 31 28.87 5.92 19.87
N SER C 32 28.87 6.12 18.55
CA SER C 32 27.63 6.21 17.78
C SER C 32 27.71 5.42 16.49
N ILE C 33 26.71 4.56 16.25
CA ILE C 33 26.52 3.89 14.97
C ILE C 33 25.54 4.70 14.09
N SER C 34 25.83 4.83 12.79
CA SER C 34 24.91 5.52 11.86
C SER C 34 24.22 4.59 10.88
N ALA C 35 23.03 4.15 11.25
CA ALA C 35 22.21 3.32 10.40
C ALA C 35 22.30 3.78 8.93
N ASP C 36 22.40 5.08 8.68
CA ASP C 36 22.48 5.52 7.28
C ASP C 36 23.76 5.12 6.58
N LYS C 37 24.89 5.33 7.23
CA LYS C 37 26.18 4.95 6.64
C LYS C 37 26.21 3.43 6.35
N ILE C 38 25.75 2.64 7.30
CA ILE C 38 25.56 1.21 7.09
C ILE C 38 24.72 0.84 5.84
N ALA C 39 23.49 1.34 5.73
CA ALA C 39 22.65 1.02 4.55
C ALA C 39 23.42 1.29 3.28
N HIS C 40 24.03 2.47 3.19
CA HIS C 40 24.85 2.85 2.05
C HIS C 40 25.98 1.85 1.78
N LYS C 41 26.66 1.45 2.85
CA LYS C 41 27.75 0.49 2.75
C LYS C 41 27.25 -0.78 2.08
N ILE C 42 26.02 -1.20 2.42
CA ILE C 42 25.39 -2.40 1.85
C ILE C 42 25.34 -2.38 0.34
N LEU C 43 24.90 -1.29 -0.25
CA LEU C 43 24.77 -1.22 -1.68
C LEU C 43 26.14 -1.42 -2.38
N ASP C 44 27.22 -0.98 -1.76
CA ASP C 44 28.53 -1.09 -2.40
C ASP C 44 29.13 -2.47 -2.35
N GLU C 45 28.86 -3.19 -1.25
CA GLU C 45 29.37 -4.54 -1.07
C GLU C 45 28.68 -5.56 -1.95
N ASN C 46 27.47 -5.26 -2.42
CA ASN C 46 26.74 -6.20 -3.30
C ASN C 46 26.54 -5.63 -4.71
N ALA C 47 27.42 -4.73 -5.11
CA ALA C 47 27.39 -4.13 -6.44
C ALA C 47 27.11 -5.14 -7.54
N LEU C 48 27.96 -6.17 -7.62
CA LEU C 48 27.89 -7.12 -8.72
C LEU C 48 26.55 -7.91 -8.78
N GLU C 49 25.98 -8.24 -7.65
CA GLU C 49 24.68 -8.88 -7.66
C GLU C 49 23.60 -7.87 -7.98
N LEU C 50 23.73 -6.66 -7.46
CA LEU C 50 22.80 -5.61 -7.78
C LEU C 50 22.70 -5.32 -9.28
N GLU C 51 23.83 -5.28 -9.99
CA GLU C 51 23.86 -5.03 -11.43
C GLU C 51 23.12 -6.16 -12.13
N LYS C 52 23.47 -7.41 -11.82
CA LYS C 52 22.71 -8.54 -12.39
C LYS C 52 21.21 -8.41 -12.17
N ILE C 53 20.81 -8.16 -10.95
CA ILE C 53 19.38 -8.08 -10.66
C ILE C 53 18.66 -6.94 -11.36
N PHE C 54 19.31 -5.79 -11.44
CA PHE C 54 18.61 -4.57 -11.81
C PHE C 54 18.84 -4.13 -13.27
N SER C 55 19.86 -4.67 -13.91
CA SER C 55 20.18 -4.27 -15.25
C SER C 55 19.06 -4.51 -16.28
N PRO C 56 18.26 -5.58 -16.17
CA PRO C 56 17.17 -5.65 -17.17
C PRO C 56 16.18 -4.51 -17.06
N PHE C 57 16.24 -3.75 -15.98
CA PHE C 57 15.35 -2.64 -15.80
C PHE C 57 15.75 -1.40 -16.53
N SER C 58 17.01 -1.32 -16.96
CA SER C 58 17.47 -0.17 -17.66
C SER C 58 18.56 -0.53 -18.65
N LEU C 59 18.78 0.40 -19.57
CA LEU C 59 19.89 0.36 -20.52
C LEU C 59 21.09 1.09 -19.89
N LYS C 60 20.81 2.05 -19.02
CA LYS C 60 21.86 2.80 -18.34
C LYS C 60 22.53 1.92 -17.29
N ASN C 61 23.79 1.56 -17.54
CA ASN C 61 24.61 0.70 -16.65
C ASN C 61 24.50 1.04 -15.15
N LEU C 62 24.50 -0.02 -14.32
CA LEU C 62 24.42 0.12 -12.86
C LEU C 62 25.80 0.29 -12.18
N LEU C 63 26.85 -0.30 -12.74
CA LEU C 63 28.19 -0.16 -12.16
C LEU C 63 28.87 1.11 -12.65
N LYS C 64 29.27 1.96 -11.70
CA LYS C 64 29.88 3.27 -11.97
C LYS C 64 31.37 3.10 -12.24
N LYS C 65 32.02 2.39 -11.33
CA LYS C 65 33.45 2.17 -11.44
C LYS C 65 33.82 1.00 -10.56
N GLU C 66 34.67 0.12 -11.09
CA GLU C 66 35.37 -0.87 -10.27
C GLU C 66 34.54 -1.37 -9.09
N LYS C 67 33.30 -1.75 -9.36
CA LYS C 67 32.39 -2.34 -8.36
C LYS C 67 31.85 -1.32 -7.34
N LYS C 68 31.52 -0.13 -7.83
CA LYS C 68 30.74 0.81 -7.06
C LYS C 68 29.44 1.05 -7.82
N ILE C 69 28.34 1.02 -7.08
CA ILE C 69 27.01 1.07 -7.68
C ILE C 69 26.61 2.52 -7.92
N ASP C 70 25.98 2.75 -9.06
CA ASP C 70 25.48 4.06 -9.45
C ASP C 70 24.12 4.28 -8.78
N ARG C 71 24.13 5.09 -7.72
CA ARG C 71 22.96 5.28 -6.87
C ARG C 71 21.90 6.12 -7.54
N LYS C 72 22.35 7.14 -8.26
CA LYS C 72 21.43 8.00 -9.04
C LYS C 72 20.56 7.12 -9.94
N ILE C 73 21.21 6.18 -10.63
CA ILE C 73 20.56 5.27 -11.57
C ILE C 73 19.66 4.28 -10.87
N LEU C 74 20.16 3.68 -9.81
CA LEU C 74 19.34 2.76 -9.03
C LEU C 74 18.08 3.45 -8.49
N GLY C 75 18.19 4.66 -7.96
CA GLY C 75 17.01 5.37 -7.44
C GLY C 75 15.98 5.79 -8.49
N GLU C 76 16.41 5.94 -9.74
CA GLU C 76 15.46 6.19 -10.83
C GLU C 76 14.69 4.92 -11.16
N ILE C 77 15.44 3.82 -11.17
CA ILE C 77 14.91 2.56 -11.51
C ILE C 77 13.80 2.24 -10.55
N VAL C 78 14.01 2.44 -9.23
CA VAL C 78 12.99 1.98 -8.27
C VAL C 78 11.86 2.97 -8.21
N PHE C 79 12.18 4.22 -8.48
CA PHE C 79 11.12 5.23 -8.50
C PHE C 79 10.25 4.95 -9.72
N ASN C 80 10.87 4.70 -10.87
CA ASN C 80 10.12 4.33 -12.08
C ASN C 80 9.32 2.95 -12.09
N ASN C 81 9.67 2.03 -11.20
CA ASN C 81 9.29 0.61 -11.36
C ASN C 81 8.98 -0.06 -10.03
N LYS C 82 7.70 -0.29 -9.78
CA LYS C 82 7.27 -0.95 -8.55
C LYS C 82 7.88 -2.35 -8.36
N GLU C 83 8.01 -3.14 -9.42
CA GLU C 83 8.72 -4.40 -9.23
C GLU C 83 10.14 -4.12 -8.71
N ALA C 84 10.85 -3.22 -9.38
CA ALA C 84 12.21 -2.86 -8.96
C ALA C 84 12.30 -2.44 -7.54
N LYS C 85 11.26 -1.79 -7.08
CA LYS C 85 11.21 -1.16 -5.77
C LYS C 85 11.09 -2.27 -4.71
N LYS C 86 10.21 -3.24 -4.94
CA LYS C 86 10.06 -4.35 -4.00
C LYS C 86 11.30 -5.28 -3.98
N ILE C 87 11.92 -5.52 -5.11
CA ILE C 87 13.12 -6.32 -5.15
C ILE C 87 14.26 -5.70 -4.36
N LEU C 88 14.46 -4.39 -4.51
CA LEU C 88 15.54 -3.73 -3.74
C LEU C 88 15.24 -3.76 -2.23
N GLU C 89 14.00 -3.43 -1.86
CA GLU C 89 13.56 -3.47 -0.46
C GLU C 89 13.92 -4.82 0.18
N ASN C 90 13.34 -5.89 -0.34
CA ASN C 90 13.61 -7.21 0.15
C ASN C 90 15.06 -7.74 0.07
N PHE C 91 15.79 -7.34 -0.97
CA PHE C 91 17.24 -7.58 -1.05
C PHE C 91 18.01 -6.86 0.06
N THR C 92 17.60 -5.63 0.40
CA THR C 92 18.38 -4.81 1.35
C THR C 92 18.01 -4.97 2.84
N HIS C 93 16.73 -5.23 3.14
CA HIS C 93 16.32 -5.32 4.53
C HIS C 93 17.16 -6.31 5.36
N PRO C 94 17.27 -7.58 4.94
CA PRO C 94 18.00 -8.50 5.83
C PRO C 94 19.44 -8.07 6.03
N LYS C 95 20.07 -7.63 4.98
CA LYS C 95 21.46 -7.24 5.07
C LYS C 95 21.61 -6.04 6.00
N ILE C 96 20.68 -5.11 5.92
CA ILE C 96 20.78 -3.91 6.74
C ILE C 96 20.58 -4.28 8.17
N ARG C 97 19.50 -5.01 8.41
CA ARG C 97 19.15 -5.43 9.74
C ARG C 97 20.36 -6.12 10.35
N ALA C 98 20.92 -7.08 9.61
CA ALA C 98 21.97 -7.93 10.13
C ALA C 98 23.22 -7.15 10.53
N LYS C 99 23.70 -6.28 9.64
CA LYS C 99 24.88 -5.45 9.96
C LYS C 99 24.66 -4.59 11.20
N ILE C 100 23.51 -3.92 11.25
CA ILE C 100 23.19 -3.04 12.38
C ILE C 100 23.31 -3.81 13.67
N LEU C 101 22.61 -4.95 13.73
CA LEU C 101 22.55 -5.83 14.89
C LEU C 101 23.90 -6.45 15.25
N GLU C 102 24.80 -6.51 14.27
CA GLU C 102 26.13 -7.01 14.51
C GLU C 102 26.88 -6.02 15.36
N GLN C 103 26.96 -4.78 14.89
CA GLN C 103 27.72 -3.74 15.61
C GLN C 103 27.12 -3.34 16.97
N MSE C 104 25.83 -3.61 17.16
CA MSE C 104 25.15 -3.33 18.43
C MSE C 104 25.41 -4.34 19.53
O MSE C 104 25.03 -4.15 20.69
CB MSE C 104 23.65 -3.22 18.17
CG MSE C 104 23.23 -1.89 17.51
SE MSE C 104 21.28 -1.98 17.25
CE MSE C 104 20.66 -2.03 19.12
N GLN C 105 26.00 -5.46 19.15
CA GLN C 105 26.48 -6.47 20.08
C GLN C 105 27.97 -6.27 20.32
N ILE C 106 28.68 -5.70 19.34
CA ILE C 106 30.07 -5.27 19.51
C ILE C 106 30.19 -4.29 20.69
N LEU C 107 29.19 -3.44 20.90
CA LEU C 107 29.26 -2.37 21.89
C LEU C 107 28.48 -2.64 23.19
N ASP C 108 27.36 -3.36 23.14
CA ASP C 108 26.65 -3.73 24.39
C ASP C 108 27.55 -4.50 25.35
N LYS C 109 28.36 -5.39 24.79
CA LYS C 109 29.35 -6.15 25.57
C LYS C 109 30.44 -5.21 26.14
N GLU C 110 30.83 -4.20 25.35
CA GLU C 110 31.80 -3.19 25.80
C GLU C 110 31.28 -2.38 27.00
N ASN C 111 30.03 -2.62 27.37
CA ASN C 111 29.46 -2.17 28.64
C ASN C 111 29.48 -0.65 28.90
N LYS C 112 29.61 0.14 27.83
CA LYS C 112 29.44 1.58 27.90
C LYS C 112 28.30 1.95 26.93
N ALA C 113 27.35 2.72 27.45
CA ALA C 113 26.19 3.14 26.70
C ALA C 113 26.60 3.61 25.29
N PHE C 114 25.82 3.24 24.28
CA PHE C 114 26.12 3.61 22.89
C PHE C 114 24.85 4.00 22.14
N PHE C 115 25.04 4.80 21.10
CA PHE C 115 23.93 5.37 20.38
C PHE C 115 23.89 4.96 18.93
N VAL C 116 22.72 4.45 18.51
CA VAL C 116 22.43 4.15 17.13
C VAL C 116 21.56 5.25 16.58
N GLU C 117 22.18 6.13 15.79
CA GLU C 117 21.46 7.19 15.05
C GLU C 117 20.73 6.64 13.83
N ILE C 118 19.41 6.79 13.80
CA ILE C 118 18.56 6.11 12.81
C ILE C 118 17.36 7.00 12.39
N PRO C 119 17.11 7.11 11.07
CA PRO C 119 15.92 7.85 10.58
C PRO C 119 14.65 7.30 11.15
N LEU C 120 13.71 8.20 11.43
CA LEU C 120 12.47 7.89 12.13
C LEU C 120 11.63 6.77 11.44
N PHE C 121 11.54 6.78 10.10
CA PHE C 121 10.78 5.72 9.41
C PHE C 121 11.66 4.78 8.62
N PHE C 122 12.87 4.52 9.13
CA PHE C 122 13.78 3.52 8.59
C PHE C 122 13.08 2.15 8.50
N GLU C 123 13.23 1.45 7.37
CA GLU C 123 12.44 0.24 7.14
C GLU C 123 12.98 -1.09 7.71
N SER C 124 14.29 -1.27 7.83
CA SER C 124 14.85 -2.66 7.88
C SER C 124 14.46 -3.55 9.11
N GLY C 125 13.60 -3.05 9.99
CA GLY C 125 13.07 -3.88 11.07
C GLY C 125 12.14 -3.14 12.01
N ALA C 126 11.85 -3.78 13.13
CA ALA C 126 11.21 -3.14 14.28
C ALA C 126 12.23 -3.10 15.41
N TYR C 127 12.99 -2.01 15.48
CA TYR C 127 14.11 -1.89 16.39
C TYR C 127 13.75 -1.47 17.82
N GLU C 128 12.46 -1.25 18.08
CA GLU C 128 12.02 -0.82 19.42
C GLU C 128 12.21 -1.91 20.48
N ASN C 129 12.52 -3.14 20.02
CA ASN C 129 12.74 -4.28 20.91
C ASN C 129 14.17 -4.31 21.42
N LEU C 130 15.10 -3.88 20.59
CA LEU C 130 16.53 -4.08 20.84
C LEU C 130 17.08 -3.19 21.95
N GLY C 131 16.55 -1.98 22.06
CA GLY C 131 17.05 -0.99 23.02
C GLY C 131 16.00 0.09 23.24
N LYS C 132 16.41 1.15 23.93
CA LYS C 132 15.50 2.23 24.23
C LYS C 132 15.63 3.33 23.21
N VAL C 133 14.49 3.87 22.81
CA VAL C 133 14.44 4.86 21.75
C VAL C 133 14.38 6.32 22.24
N ILE C 134 15.20 7.18 21.65
CA ILE C 134 15.18 8.60 21.98
C ILE C 134 14.74 9.36 20.73
N VAL C 135 13.59 10.04 20.83
CA VAL C 135 13.06 10.84 19.71
C VAL C 135 13.13 12.32 20.06
N ILE C 136 13.87 13.05 19.25
CA ILE C 136 13.96 14.50 19.38
C ILE C 136 12.82 15.13 18.57
N TYR C 137 11.80 15.55 19.31
CA TYR C 137 10.52 15.98 18.76
C TYR C 137 10.35 17.51 18.78
N THR C 138 10.07 18.05 17.60
CA THR C 138 9.62 19.42 17.43
C THR C 138 8.13 19.38 17.05
N PRO C 139 7.25 19.73 18.01
CA PRO C 139 5.81 19.79 17.74
C PRO C 139 5.48 20.90 16.77
N LYS C 140 4.62 20.57 15.81
CA LYS C 140 4.32 21.45 14.70
C LYS C 140 2.80 21.65 14.56
N GLU C 141 2.40 22.78 13.99
CA GLU C 141 1.01 23.05 13.69
C GLU C 141 0.45 21.98 12.73
N LEU C 142 -0.64 21.33 13.12
CA LEU C 142 -1.33 20.38 12.24
C LEU C 142 -2.54 20.97 11.52
N SER C 143 -2.44 22.23 11.13
CA SER C 143 -3.51 22.92 10.44
C SER C 143 -3.06 23.21 9.01
N LEU C 144 -3.80 22.66 8.06
CA LEU C 144 -3.53 22.87 6.66
C LEU C 144 -3.28 24.32 6.30
N LYS C 145 -4.23 25.18 6.62
CA LYS C 145 -4.13 26.58 6.18
C LYS C 145 -2.85 27.22 6.73
N ARG C 146 -2.58 27.04 8.02
CA ARG C 146 -1.43 27.72 8.65
C ARG C 146 -0.08 27.35 8.03
N ILE C 147 0.05 26.13 7.51
CA ILE C 147 1.27 25.73 6.79
C ILE C 147 1.32 26.33 5.37
N MSE C 148 0.17 26.46 4.70
CA MSE C 148 0.16 27.06 3.36
C MSE C 148 0.62 28.48 3.48
O MSE C 148 1.49 28.92 2.73
CB MSE C 148 -1.22 27.05 2.68
CG MSE C 148 -1.45 25.70 2.03
SE MSE C 148 -3.35 25.53 1.64
CE MSE C 148 -3.18 26.16 -0.23
N GLN C 149 0.06 29.19 4.45
CA GLN C 149 0.45 30.57 4.74
C GLN C 149 1.90 30.70 5.26
N ARG C 150 2.31 29.85 6.22
CA ARG C 150 3.68 29.88 6.79
C ARG C 150 4.76 29.63 5.74
N ASP C 151 4.89 28.38 5.30
CA ASP C 151 6.00 27.98 4.41
C ASP C 151 5.64 28.14 2.94
N LYS C 152 4.45 28.72 2.69
CA LYS C 152 4.09 29.23 1.37
C LYS C 152 4.03 28.12 0.33
N LEU C 153 3.00 27.28 0.43
CA LEU C 153 2.89 26.08 -0.41
C LEU C 153 1.49 25.89 -1.03
N SER C 154 1.41 25.11 -2.10
CA SER C 154 0.12 24.63 -2.62
C SER C 154 -0.52 23.64 -1.65
N LEU C 155 -1.81 23.39 -1.82
CA LEU C 155 -2.51 22.37 -1.03
C LEU C 155 -1.80 21.03 -1.11
N GLU C 156 -1.45 20.57 -2.30
CA GLU C 156 -0.83 19.25 -2.48
C GLU C 156 0.44 19.18 -1.65
N ALA C 157 1.16 20.31 -1.53
CA ALA C 157 2.46 20.27 -0.86
C ALA C 157 2.31 20.40 0.63
N ALA C 158 1.34 21.19 1.04
CA ALA C 158 0.92 21.24 2.41
C ALA C 158 0.34 19.87 2.84
N LYS C 159 -0.60 19.30 2.09
CA LYS C 159 -1.07 17.89 2.35
C LYS C 159 0.11 17.00 2.66
N ALA C 160 1.12 17.09 1.79
CA ALA C 160 2.29 16.26 1.86
C ALA C 160 3.01 16.52 3.16
N ARG C 161 3.21 17.79 3.48
CA ARG C 161 3.94 18.13 4.69
C ARG C 161 3.17 17.77 5.96
N LEU C 162 1.90 18.13 5.99
CA LEU C 162 1.00 17.74 7.07
C LEU C 162 0.88 16.22 7.27
N ASP C 163 0.71 15.45 6.21
CA ASP C 163 0.61 14.00 6.44
C ASP C 163 1.86 13.49 7.16
N SER C 164 3.02 14.09 6.92
CA SER C 164 4.28 13.57 7.48
C SER C 164 4.44 13.89 8.96
N GLN C 165 4.08 15.13 9.32
CA GLN C 165 4.01 15.58 10.72
C GLN C 165 2.97 14.82 11.51
N ILE C 166 1.82 14.52 10.90
CA ILE C 166 0.84 13.65 11.57
C ILE C 166 1.39 12.25 11.76
N ASP C 167 2.09 11.72 10.76
CA ASP C 167 2.71 10.40 10.91
C ASP C 167 3.90 10.45 11.91
N ILE C 168 4.60 11.58 12.01
CA ILE C 168 5.64 11.73 13.03
C ILE C 168 5.07 11.63 14.42
N GLU C 169 4.04 12.41 14.74
CA GLU C 169 3.46 12.36 16.06
C GLU C 169 3.02 10.98 16.46
N GLU C 170 2.38 10.21 15.58
CA GLU C 170 2.09 8.79 15.88
C GLU C 170 3.29 8.01 16.37
N LYS C 171 4.40 8.15 15.68
CA LYS C 171 5.61 7.42 16.09
C LYS C 171 6.08 7.66 17.55
N LEU C 172 5.67 8.76 18.18
CA LEU C 172 6.03 9.04 19.56
C LEU C 172 5.47 8.00 20.51
N LYS C 173 4.29 7.45 20.18
CA LYS C 173 3.75 6.32 20.94
C LYS C 173 4.78 5.16 21.07
N LYS C 174 5.73 5.11 20.15
CA LYS C 174 6.80 4.11 20.16
C LYS C 174 8.07 4.55 20.88
N ALA C 175 8.15 5.80 21.31
CA ALA C 175 9.36 6.30 21.93
C ALA C 175 9.46 5.95 23.42
N ASP C 176 10.70 5.89 23.91
CA ASP C 176 11.01 5.72 25.34
C ASP C 176 11.33 7.05 25.98
N PHE C 177 12.21 7.81 25.35
CA PHE C 177 12.53 9.13 25.81
C PHE C 177 12.28 10.16 24.72
N ILE C 178 11.51 11.19 25.07
CA ILE C 178 11.26 12.33 24.22
C ILE C 178 12.00 13.54 24.79
N ILE C 179 12.86 14.13 23.97
CA ILE C 179 13.44 15.43 24.20
C ILE C 179 12.68 16.46 23.34
N LYS C 180 12.01 17.40 24.01
CA LYS C 180 11.33 18.51 23.32
C LYS C 180 12.37 19.44 22.74
N ASN C 181 12.07 20.01 21.57
CA ASN C 181 13.00 20.83 20.81
C ASN C 181 12.23 22.00 20.20
N THR C 182 11.63 22.79 21.10
CA THR C 182 10.77 23.92 20.74
C THR C 182 11.42 25.28 21.02
N ASN C 183 12.65 25.29 21.50
CA ASN C 183 13.29 26.54 21.85
C ASN C 183 14.68 26.73 21.15
N SER C 184 15.48 27.69 21.59
CA SER C 184 16.71 28.05 20.86
C SER C 184 17.72 26.91 20.74
N TYR C 185 18.64 27.03 19.77
CA TYR C 185 19.69 26.02 19.49
C TYR C 185 20.51 25.71 20.75
N ALA C 186 21.11 26.74 21.34
CA ALA C 186 21.94 26.58 22.54
C ALA C 186 21.18 25.96 23.71
N ASP C 187 19.86 26.14 23.72
CA ASP C 187 19.01 25.65 24.79
C ASP C 187 18.67 24.19 24.56
N PHE C 188 18.29 23.85 23.34
CA PHE C 188 18.17 22.45 22.95
C PHE C 188 19.45 21.69 23.30
N ARG C 189 20.60 22.32 23.03
CA ARG C 189 21.89 21.70 23.24
C ARG C 189 22.03 21.12 24.65
N GLN C 190 21.91 21.99 25.66
CA GLN C 190 22.01 21.59 27.08
C GLN C 190 21.11 20.40 27.48
N GLU C 191 19.94 20.27 26.84
CA GLU C 191 19.00 19.19 27.14
C GLU C 191 19.53 17.82 26.72
N CYS C 192 20.24 17.78 25.60
CA CYS C 192 20.96 16.57 25.19
C CYS C 192 22.05 16.26 26.22
N VAL C 193 22.78 17.30 26.62
CA VAL C 193 23.81 17.18 27.65
C VAL C 193 23.21 16.55 28.90
N LYS C 194 22.20 17.20 29.47
CA LYS C 194 21.49 16.66 30.64
C LYS C 194 21.10 15.17 30.50
N VAL C 195 20.54 14.79 29.36
CA VAL C 195 20.03 13.43 29.15
C VAL C 195 21.14 12.38 29.16
N ILE C 196 22.22 12.69 28.44
CA ILE C 196 23.35 11.77 28.32
C ILE C 196 23.92 11.47 29.71
N GLN C 197 23.95 12.49 30.55
CA GLN C 197 24.42 12.37 31.93
C GLN C 197 23.60 11.36 32.71
N GLU C 198 22.30 11.46 32.60
CA GLU C 198 21.40 10.56 33.31
C GLU C 198 21.61 9.11 32.82
N ILE C 199 21.81 8.97 31.50
CA ILE C 199 22.19 7.67 30.92
C ILE C 199 23.54 7.23 31.48
N SER C 200 24.47 8.18 31.59
CA SER C 200 25.85 7.90 31.99
C SER C 200 26.01 7.32 33.40
N LYS C 201 25.01 7.49 34.26
CA LYS C 201 25.05 6.91 35.61
C LYS C 201 23.91 5.92 35.89
N GLY C 202 23.44 5.23 34.85
CA GLY C 202 22.46 4.14 35.00
C GLY C 202 21.05 4.60 35.33
N ASN C 203 20.85 5.92 35.35
CA ASN C 203 19.54 6.55 35.58
C ASN C 203 18.52 6.32 34.45
N MSE C 204 18.94 5.62 33.40
CA MSE C 204 18.13 5.48 32.19
C MSE C 204 18.62 4.36 31.33
O MSE C 204 19.81 4.01 31.36
OXT MSE C 204 17.81 3.79 30.56
CB MSE C 204 18.22 6.77 31.40
CG MSE C 204 17.02 7.69 31.65
SE MSE C 204 17.52 9.54 31.19
CE MSE C 204 16.28 10.01 29.72
N ALA D 3 -13.04 3.86 -28.65
CA ALA D 3 -12.35 4.22 -27.38
C ALA D 3 -11.72 5.63 -27.49
N MSE D 4 -10.41 5.75 -27.24
CA MSE D 4 -9.59 6.89 -27.72
C MSE D 4 -8.93 6.35 -28.97
O MSE D 4 -8.21 5.34 -28.92
CB MSE D 4 -8.58 7.37 -26.65
CG MSE D 4 -8.04 8.77 -26.93
SE MSE D 4 -6.74 9.48 -25.60
CE MSE D 4 -7.21 8.64 -23.90
N LYS D 5 -9.17 7.02 -30.08
CA LYS D 5 -9.04 6.40 -31.41
C LYS D 5 -7.66 5.79 -31.77
N ASN D 6 -6.59 6.60 -31.71
CA ASN D 6 -5.27 6.21 -32.22
C ASN D 6 -4.29 5.76 -31.15
N ALA D 7 -4.69 5.78 -29.87
CA ALA D 7 -3.79 5.39 -28.79
C ALA D 7 -3.38 3.91 -28.81
N PHE D 8 -2.07 3.65 -28.75
CA PHE D 8 -1.50 2.29 -28.63
C PHE D 8 -0.59 2.11 -27.40
N PHE D 9 -0.95 1.25 -26.47
CA PHE D 9 -0.08 0.99 -25.30
C PHE D 9 0.90 -0.13 -25.59
N VAL D 10 2.16 0.12 -25.24
CA VAL D 10 3.22 -0.89 -25.38
C VAL D 10 3.70 -1.36 -24.01
N THR D 11 3.79 -2.66 -23.88
CA THR D 11 4.31 -3.28 -22.67
C THR D 11 5.30 -4.30 -23.19
N ALA D 12 6.39 -4.57 -22.47
CA ALA D 12 7.29 -5.65 -22.85
C ALA D 12 7.69 -6.47 -21.65
N SER D 13 8.00 -7.74 -21.89
CA SER D 13 8.60 -8.61 -20.88
C SER D 13 9.93 -8.00 -20.40
N ILE D 14 10.85 -7.78 -21.33
CA ILE D 14 12.12 -7.10 -21.01
C ILE D 14 12.18 -5.66 -21.55
N ALA D 15 12.77 -4.80 -20.73
CA ALA D 15 12.96 -3.39 -21.00
C ALA D 15 13.40 -3.03 -22.44
N CYS D 16 14.41 -3.73 -22.94
CA CYS D 16 15.03 -3.35 -24.19
C CYS D 16 14.20 -3.76 -25.42
N GLY D 17 13.15 -4.55 -25.17
CA GLY D 17 12.16 -4.80 -26.19
C GLY D 17 11.35 -3.55 -26.41
N LYS D 18 10.66 -3.10 -25.39
CA LYS D 18 9.95 -1.83 -25.42
C LYS D 18 10.75 -0.79 -26.22
N SER D 19 11.89 -0.42 -25.69
CA SER D 19 12.60 0.73 -26.19
C SER D 19 13.02 0.53 -27.66
N THR D 20 13.19 -0.72 -28.08
CA THR D 20 13.54 -1.03 -29.46
C THR D 20 12.32 -0.73 -30.30
N PHE D 21 11.17 -1.16 -29.81
CA PHE D 21 9.93 -0.94 -30.52
C PHE D 21 9.68 0.53 -30.66
N ILE D 22 9.72 1.24 -29.55
CA ILE D 22 9.43 2.68 -29.51
C ILE D 22 10.45 3.49 -30.32
N GLU D 23 11.70 3.06 -30.34
CA GLU D 23 12.70 3.76 -31.18
C GLU D 23 12.35 3.57 -32.65
N ILE D 24 11.99 2.34 -33.02
CA ILE D 24 11.69 2.05 -34.40
C ILE D 24 10.47 2.82 -34.85
N ALA D 25 9.42 2.76 -34.06
CA ALA D 25 8.25 3.56 -34.31
C ALA D 25 8.55 5.09 -34.45
N ASN D 26 9.41 5.62 -33.59
CA ASN D 26 9.88 6.99 -33.72
C ASN D 26 10.54 7.18 -35.07
N SER D 27 11.50 6.33 -35.41
CA SER D 27 12.22 6.55 -36.63
C SER D 27 11.29 6.55 -37.86
N LEU D 28 10.11 5.95 -37.74
CA LEU D 28 9.13 5.99 -38.79
C LEU D 28 8.07 7.04 -38.49
N GLY D 29 8.45 8.14 -37.83
CA GLY D 29 7.55 9.29 -37.70
C GLY D 29 6.43 9.20 -36.68
N PHE D 30 6.40 8.15 -35.86
CA PHE D 30 5.33 8.06 -34.90
C PHE D 30 5.75 8.60 -33.56
N LYS D 31 4.90 9.46 -33.02
CA LYS D 31 5.08 10.05 -31.71
C LYS D 31 4.79 9.03 -30.58
N SER D 32 5.54 9.16 -29.46
CA SER D 32 5.35 8.36 -28.27
C SER D 32 5.47 9.15 -26.99
N ILE D 33 4.80 8.64 -25.96
CA ILE D 33 4.82 9.21 -24.64
C ILE D 33 5.54 8.29 -23.67
N SER D 34 6.42 8.86 -22.86
CA SER D 34 7.24 8.07 -21.96
C SER D 34 6.89 8.39 -20.51
N ALA D 35 6.25 7.45 -19.82
CA ALA D 35 5.92 7.72 -18.42
C ALA D 35 7.14 8.15 -17.59
N ASP D 36 8.30 7.55 -17.84
CA ASP D 36 9.54 7.84 -17.10
C ASP D 36 10.00 9.29 -17.24
N LYS D 37 9.95 9.77 -18.47
CA LYS D 37 10.23 11.15 -18.82
C LYS D 37 9.19 12.11 -18.28
N ILE D 38 7.91 11.73 -18.32
CA ILE D 38 6.89 12.56 -17.67
C ILE D 38 7.29 12.75 -16.20
N ALA D 39 7.64 11.66 -15.51
CA ALA D 39 7.93 11.74 -14.06
C ALA D 39 9.12 12.61 -13.79
N HIS D 40 10.11 12.50 -14.65
CA HIS D 40 11.33 13.29 -14.56
C HIS D 40 11.05 14.82 -14.59
N LYS D 41 10.24 15.27 -15.56
CA LYS D 41 9.88 16.70 -15.70
C LYS D 41 9.02 17.15 -14.53
N ILE D 42 8.13 16.29 -14.07
CA ILE D 42 7.30 16.60 -12.93
C ILE D 42 8.17 16.97 -11.73
N LEU D 43 9.26 16.22 -11.52
CA LEU D 43 10.16 16.44 -10.34
C LEU D 43 10.89 17.76 -10.39
N ASP D 44 11.44 18.09 -11.55
CA ASP D 44 11.98 19.44 -11.78
C ASP D 44 10.88 20.50 -11.75
N GLU D 45 9.76 20.27 -12.44
CA GLU D 45 8.65 21.25 -12.43
C GLU D 45 8.22 21.58 -10.99
N ASN D 46 8.49 20.68 -10.04
CA ASN D 46 8.07 20.86 -8.65
C ASN D 46 9.24 20.97 -7.67
N ALA D 47 10.43 21.25 -8.21
CA ALA D 47 11.67 21.17 -7.45
C ALA D 47 11.74 21.94 -6.09
N LEU D 48 11.03 23.06 -6.01
CA LEU D 48 11.13 23.95 -4.84
C LEU D 48 10.20 23.47 -3.75
N GLU D 49 8.97 23.19 -4.16
CA GLU D 49 8.00 22.48 -3.31
C GLU D 49 8.70 21.31 -2.65
N LEU D 50 9.38 20.49 -3.45
CA LEU D 50 9.97 19.27 -2.90
C LEU D 50 11.07 19.57 -1.90
N GLU D 51 11.81 20.65 -2.14
CA GLU D 51 12.88 21.06 -1.24
C GLU D 51 12.31 21.40 0.10
N LYS D 52 11.20 22.11 0.15
CA LYS D 52 10.55 22.39 1.45
C LYS D 52 9.92 21.14 2.09
N ILE D 53 9.21 20.32 1.32
CA ILE D 53 8.64 19.10 1.90
C ILE D 53 9.76 18.24 2.47
N PHE D 54 10.79 17.97 1.67
CA PHE D 54 11.78 17.00 2.07
C PHE D 54 13.06 17.53 2.75
N SER D 55 13.18 18.83 3.01
CA SER D 55 14.41 19.35 3.68
C SER D 55 14.55 19.03 5.16
N PRO D 56 13.43 18.82 5.89
CA PRO D 56 13.61 18.23 7.22
C PRO D 56 14.08 16.77 7.27
N PHE D 57 13.99 16.01 6.19
CA PHE D 57 14.40 14.62 6.24
C PHE D 57 15.90 14.50 6.19
N SER D 58 16.56 15.33 5.39
CA SER D 58 18.04 15.29 5.28
C SER D 58 18.72 16.60 5.61
N LEU D 59 20.04 16.49 5.84
CA LEU D 59 20.91 17.64 6.12
C LEU D 59 21.79 17.95 4.91
N LYS D 60 21.18 17.90 3.72
CA LYS D 60 21.91 18.17 2.50
C LYS D 60 20.98 19.02 1.65
N ASN D 61 21.53 19.79 0.74
CA ASN D 61 20.73 20.66 -0.10
C ASN D 61 20.12 19.84 -1.24
N LEU D 62 18.79 19.94 -1.35
CA LEU D 62 18.01 19.16 -2.32
C LEU D 62 17.99 19.82 -3.67
N LEU D 63 18.37 21.10 -3.70
CA LEU D 63 18.54 21.80 -4.97
C LEU D 63 20.03 21.74 -5.29
N LYS D 64 20.37 21.48 -6.56
CA LYS D 64 21.77 21.29 -6.98
C LYS D 64 22.38 22.57 -7.53
N LYS D 65 21.60 23.27 -8.37
CA LYS D 65 22.07 24.45 -9.10
C LYS D 65 20.92 24.90 -9.98
N GLU D 66 20.77 26.22 -10.13
CA GLU D 66 19.63 26.83 -10.85
C GLU D 66 18.27 26.15 -10.58
N LYS D 67 18.01 25.91 -9.28
CA LYS D 67 16.70 25.46 -8.81
C LYS D 67 16.23 24.15 -9.43
N LYS D 68 17.18 23.30 -9.84
CA LYS D 68 16.83 21.94 -10.29
C LYS D 68 17.08 20.98 -9.15
N ILE D 69 16.32 19.89 -9.15
CA ILE D 69 16.33 18.91 -8.07
C ILE D 69 17.45 17.85 -8.26
N ASP D 70 18.13 17.52 -7.16
CA ASP D 70 19.22 16.53 -7.11
C ASP D 70 18.68 15.09 -6.97
N ARG D 71 18.48 14.38 -8.07
CA ARG D 71 17.79 13.07 -8.01
C ARG D 71 18.66 11.98 -7.36
N LYS D 72 19.92 12.32 -7.07
CA LYS D 72 20.77 11.47 -6.24
C LYS D 72 20.30 11.55 -4.82
N ILE D 73 20.23 12.79 -4.32
CA ILE D 73 19.87 13.03 -2.93
C ILE D 73 18.43 12.61 -2.59
N LEU D 74 17.52 12.79 -3.54
CA LEU D 74 16.13 12.46 -3.34
C LEU D 74 16.02 10.93 -3.24
N GLY D 75 16.76 10.25 -4.09
CA GLY D 75 16.87 8.79 -4.03
C GLY D 75 17.44 8.27 -2.73
N GLU D 76 18.34 9.03 -2.11
CA GLU D 76 18.94 8.66 -0.80
C GLU D 76 17.98 8.82 0.36
N ILE D 77 17.38 10.01 0.44
CA ILE D 77 16.35 10.31 1.42
C ILE D 77 15.20 9.30 1.35
N VAL D 78 14.84 8.92 0.14
CA VAL D 78 13.79 7.91 -0.10
C VAL D 78 14.26 6.47 0.22
N PHE D 79 15.53 6.15 -0.03
CA PHE D 79 16.01 4.78 0.11
C PHE D 79 15.85 4.27 1.55
N ASN D 80 15.11 3.18 1.69
CA ASN D 80 14.83 2.54 2.99
C ASN D 80 14.09 3.40 4.00
N ASN D 81 13.24 4.29 3.49
CA ASN D 81 12.40 5.14 4.33
C ASN D 81 10.94 5.05 3.89
N LYS D 82 10.13 4.39 4.70
CA LYS D 82 8.74 4.13 4.36
C LYS D 82 7.97 5.44 4.12
N GLU D 83 8.30 6.49 4.87
CA GLU D 83 7.45 7.68 4.92
C GLU D 83 7.77 8.56 3.75
N ALA D 84 9.06 8.73 3.48
CA ALA D 84 9.49 9.52 2.36
C ALA D 84 9.08 8.93 1.03
N LYS D 85 9.03 7.59 0.94
CA LYS D 85 8.52 6.91 -0.25
C LYS D 85 7.08 7.28 -0.46
N LYS D 86 6.33 7.21 0.62
CA LYS D 86 4.89 7.41 0.55
C LYS D 86 4.58 8.87 0.24
N ILE D 87 5.27 9.77 0.94
CA ILE D 87 5.05 11.20 0.79
C ILE D 87 5.38 11.63 -0.64
N LEU D 88 6.40 11.03 -1.25
CA LEU D 88 6.78 11.39 -2.61
C LEU D 88 5.83 10.85 -3.61
N GLU D 89 5.59 9.55 -3.49
CA GLU D 89 4.59 8.90 -4.31
C GLU D 89 3.30 9.66 -4.28
N ASN D 90 2.72 9.87 -3.12
CA ASN D 90 1.43 10.56 -3.12
C ASN D 90 1.41 11.95 -3.73
N PHE D 91 2.55 12.62 -3.83
CA PHE D 91 2.61 13.99 -4.34
C PHE D 91 2.75 13.91 -5.85
N THR D 92 3.56 12.97 -6.32
CA THR D 92 4.00 12.94 -7.70
C THR D 92 3.09 12.09 -8.57
N HIS D 93 2.71 10.89 -8.11
CA HIS D 93 1.83 10.00 -8.90
C HIS D 93 0.60 10.69 -9.52
N PRO D 94 -0.19 11.44 -8.72
CA PRO D 94 -1.32 12.16 -9.33
C PRO D 94 -0.90 13.03 -10.49
N LYS D 95 0.10 13.87 -10.26
CA LYS D 95 0.60 14.77 -11.29
C LYS D 95 1.05 13.96 -12.52
N ILE D 96 1.67 12.81 -12.31
CA ILE D 96 2.13 12.00 -13.44
C ILE D 96 1.01 11.43 -14.28
N ARG D 97 0.02 10.82 -13.63
CA ARG D 97 -1.21 10.33 -14.28
C ARG D 97 -1.85 11.40 -15.15
N ALA D 98 -2.14 12.55 -14.55
CA ALA D 98 -2.79 13.63 -15.27
C ALA D 98 -1.96 13.98 -16.47
N LYS D 99 -0.66 14.11 -16.28
CA LYS D 99 0.19 14.62 -17.36
C LYS D 99 0.08 13.68 -18.54
N ILE D 100 0.21 12.40 -18.26
CA ILE D 100 0.05 11.38 -19.28
C ILE D 100 -1.26 11.54 -20.07
N LEU D 101 -2.38 11.63 -19.35
CA LEU D 101 -3.72 11.69 -19.92
C LEU D 101 -3.79 12.93 -20.77
N GLU D 102 -3.45 14.08 -20.18
CA GLU D 102 -3.32 15.34 -20.93
C GLU D 102 -2.58 15.15 -22.27
N GLN D 103 -1.46 14.44 -22.23
CA GLN D 103 -0.60 14.28 -23.39
C GLN D 103 -1.20 13.30 -24.38
N MSE D 104 -1.95 12.34 -23.86
CA MSE D 104 -2.60 11.37 -24.76
C MSE D 104 -3.62 12.06 -25.62
O MSE D 104 -3.70 11.79 -26.78
CB MSE D 104 -3.26 10.24 -23.99
CG MSE D 104 -2.26 9.14 -23.68
SE MSE D 104 -3.02 7.72 -22.56
CE MSE D 104 -4.30 7.19 -23.97
N GLN D 105 -4.40 12.96 -25.02
CA GLN D 105 -5.51 13.62 -25.69
C GLN D 105 -5.03 14.48 -26.83
N ILE D 106 -4.03 15.30 -26.56
CA ILE D 106 -3.39 16.09 -27.60
C ILE D 106 -3.05 15.20 -28.80
N LEU D 107 -2.13 14.26 -28.60
CA LEU D 107 -1.68 13.36 -29.67
C LEU D 107 -2.80 12.70 -30.43
N ASP D 108 -3.87 12.34 -29.72
CA ASP D 108 -4.99 11.66 -30.34
C ASP D 108 -5.65 12.57 -31.38
N LYS D 109 -5.63 13.88 -31.10
CA LYS D 109 -6.25 14.86 -31.99
C LYS D 109 -5.45 15.11 -33.26
N GLU D 110 -4.27 14.49 -33.41
CA GLU D 110 -3.46 14.62 -34.62
C GLU D 110 -3.74 13.52 -35.65
N ASN D 111 -4.72 12.66 -35.35
CA ASN D 111 -5.22 11.65 -36.28
C ASN D 111 -4.14 10.71 -36.85
N LYS D 112 -3.12 10.46 -36.04
CA LYS D 112 -2.07 9.52 -36.38
C LYS D 112 -1.82 8.70 -35.13
N ALA D 113 -1.62 7.40 -35.35
CA ALA D 113 -1.20 6.49 -34.32
C ALA D 113 -0.01 7.02 -33.57
N PHE D 114 -0.06 6.84 -32.25
CA PHE D 114 1.02 7.19 -31.33
C PHE D 114 1.08 6.10 -30.25
N PHE D 115 2.13 6.07 -29.45
CA PHE D 115 2.33 4.92 -28.61
C PHE D 115 2.68 5.34 -27.21
N VAL D 116 1.99 4.77 -26.25
CA VAL D 116 2.22 5.16 -24.89
C VAL D 116 2.87 4.04 -24.17
N GLU D 117 4.06 4.30 -23.61
CA GLU D 117 4.77 3.34 -22.74
C GLU D 117 4.09 3.36 -21.38
N ILE D 118 3.45 2.24 -21.03
CA ILE D 118 2.64 2.19 -19.82
C ILE D 118 3.48 2.43 -18.58
N PRO D 119 3.01 3.31 -17.70
CA PRO D 119 3.76 3.49 -16.47
C PRO D 119 3.96 2.16 -15.74
N LEU D 120 5.19 1.94 -15.28
CA LEU D 120 5.47 0.82 -14.39
C LEU D 120 5.56 1.21 -12.87
N PHE D 121 5.15 2.46 -12.55
CA PHE D 121 4.83 2.87 -11.16
C PHE D 121 3.60 2.06 -10.70
N GLU D 128 -6.33 1.79 -20.67
CA GLU D 128 -5.86 0.70 -21.55
C GLU D 128 -6.97 -0.03 -22.32
N ASN D 129 -8.15 -0.09 -21.69
CA ASN D 129 -9.42 -0.06 -22.42
C ASN D 129 -9.50 1.19 -23.29
N LEU D 130 -8.71 2.19 -22.92
CA LEU D 130 -8.67 3.47 -23.55
C LEU D 130 -8.13 3.44 -24.96
N GLY D 131 -7.30 2.45 -25.29
CA GLY D 131 -6.73 2.34 -26.63
C GLY D 131 -6.56 0.88 -26.95
N LYS D 132 -5.67 0.55 -27.90
CA LYS D 132 -5.33 -0.84 -28.22
C LYS D 132 -4.01 -1.22 -27.56
N VAL D 133 -3.68 -2.50 -27.54
CA VAL D 133 -2.55 -2.96 -26.73
C VAL D 133 -1.54 -3.74 -27.57
N ILE D 134 -0.27 -3.39 -27.45
CA ILE D 134 0.80 -4.19 -28.02
C ILE D 134 1.64 -4.69 -26.86
N VAL D 135 1.87 -6.00 -26.79
CA VAL D 135 2.81 -6.53 -25.80
C VAL D 135 3.99 -7.17 -26.53
N ILE D 136 5.18 -6.87 -26.02
CA ILE D 136 6.43 -7.31 -26.60
C ILE D 136 6.82 -8.44 -25.71
N TYR D 137 6.65 -9.64 -26.25
CA TYR D 137 6.45 -10.85 -25.45
C TYR D 137 7.67 -11.74 -25.53
N THR D 138 8.16 -12.14 -24.36
CA THR D 138 9.27 -13.06 -24.24
C THR D 138 8.85 -14.20 -23.34
N PRO D 139 8.50 -15.35 -23.92
CA PRO D 139 7.98 -16.46 -23.10
C PRO D 139 8.86 -16.77 -21.90
N LYS D 140 8.24 -17.25 -20.84
CA LYS D 140 8.91 -17.61 -19.59
C LYS D 140 8.05 -18.60 -18.77
N GLU D 141 8.58 -19.78 -18.52
CA GLU D 141 7.97 -20.68 -17.54
C GLU D 141 7.64 -19.82 -16.33
N LEU D 142 6.35 -19.59 -16.13
CA LEU D 142 5.91 -18.76 -15.03
C LEU D 142 6.08 -19.58 -13.77
N SER D 143 7.28 -19.54 -13.23
CA SER D 143 7.66 -20.41 -12.13
C SER D 143 8.52 -19.67 -11.14
N LEU D 144 8.02 -19.60 -9.91
CA LEU D 144 8.75 -19.03 -8.78
C LEU D 144 10.13 -19.67 -8.56
N LYS D 145 10.25 -20.98 -8.75
CA LYS D 145 11.51 -21.71 -8.57
C LYS D 145 12.53 -21.28 -9.62
N ARG D 146 12.11 -21.24 -10.88
CA ARG D 146 12.99 -20.86 -11.95
C ARG D 146 13.57 -19.47 -11.65
N ILE D 147 12.69 -18.53 -11.26
CA ILE D 147 13.13 -17.15 -11.02
C ILE D 147 14.11 -17.11 -9.86
N MSE D 148 13.80 -17.83 -8.79
CA MSE D 148 14.66 -17.81 -7.62
C MSE D 148 16.06 -18.26 -7.99
O MSE D 148 17.03 -17.57 -7.68
CB MSE D 148 14.12 -18.59 -6.44
CG MSE D 148 12.88 -17.90 -5.93
SE MSE D 148 12.13 -18.89 -4.43
CE MSE D 148 13.57 -18.79 -3.10
N GLN D 149 16.17 -19.37 -8.71
CA GLN D 149 17.47 -20.00 -8.92
C GLN D 149 18.25 -19.40 -10.08
N ARG D 150 17.55 -18.97 -11.13
CA ARG D 150 18.17 -18.24 -12.22
C ARG D 150 18.74 -16.90 -11.74
N ASP D 151 17.86 -16.04 -11.24
CA ASP D 151 18.18 -14.65 -10.94
C ASP D 151 18.78 -14.45 -9.56
N LYS D 152 18.93 -15.53 -8.80
CA LYS D 152 19.43 -15.45 -7.44
C LYS D 152 18.70 -14.47 -6.59
N LEU D 153 17.47 -14.79 -6.21
CA LEU D 153 16.58 -13.89 -5.45
C LEU D 153 15.86 -14.56 -4.31
N SER D 154 15.42 -13.76 -3.33
CA SER D 154 14.67 -14.30 -2.20
C SER D 154 13.25 -14.71 -2.66
N LEU D 155 12.40 -15.01 -1.68
CA LEU D 155 11.09 -15.53 -1.95
C LEU D 155 10.22 -14.36 -2.40
N GLU D 156 10.18 -13.32 -1.59
CA GLU D 156 9.33 -12.18 -1.89
C GLU D 156 9.84 -11.35 -3.06
N ALA D 157 11.15 -11.26 -3.23
CA ALA D 157 11.68 -10.58 -4.42
C ALA D 157 11.24 -11.29 -5.70
N ALA D 158 11.40 -12.60 -5.74
CA ALA D 158 10.99 -13.38 -6.89
C ALA D 158 9.53 -13.26 -7.23
N LYS D 159 8.68 -13.20 -6.22
CA LYS D 159 7.23 -13.00 -6.43
C LYS D 159 6.90 -11.66 -7.11
N ALA D 160 7.65 -10.60 -6.77
CA ALA D 160 7.51 -9.31 -7.44
C ALA D 160 7.78 -9.52 -8.93
N ARG D 161 8.89 -10.18 -9.22
CA ARG D 161 9.21 -10.43 -10.62
C ARG D 161 8.18 -11.33 -11.29
N LEU D 162 7.72 -12.35 -10.56
CA LEU D 162 6.75 -13.27 -11.13
C LEU D 162 5.44 -12.58 -11.44
N ASP D 163 4.98 -11.73 -10.54
CA ASP D 163 3.73 -10.98 -10.73
C ASP D 163 3.80 -10.04 -11.96
N SER D 164 4.95 -9.44 -12.22
CA SER D 164 5.14 -8.68 -13.45
C SER D 164 4.99 -9.63 -14.64
N GLN D 165 5.65 -10.78 -14.58
CA GLN D 165 5.47 -11.75 -15.66
C GLN D 165 3.99 -12.17 -15.85
N ILE D 166 3.28 -12.41 -14.76
CA ILE D 166 1.88 -12.78 -14.91
C ILE D 166 1.05 -11.62 -15.49
N ASP D 167 1.35 -10.39 -15.09
CA ASP D 167 0.62 -9.23 -15.62
C ASP D 167 0.63 -9.18 -17.15
N ILE D 168 1.78 -9.46 -17.75
CA ILE D 168 1.92 -9.53 -19.20
C ILE D 168 1.15 -10.68 -19.81
N GLU D 169 1.26 -11.85 -19.24
CA GLU D 169 0.44 -12.98 -19.71
C GLU D 169 -1.05 -12.61 -19.78
N GLU D 170 -1.55 -11.93 -18.75
CA GLU D 170 -2.96 -11.47 -18.70
C GLU D 170 -3.33 -10.69 -19.96
N LYS D 171 -2.37 -9.86 -20.40
CA LYS D 171 -2.59 -8.95 -21.52
C LYS D 171 -2.56 -9.70 -22.82
N LEU D 172 -1.91 -10.87 -22.86
CA LEU D 172 -1.84 -11.64 -24.11
C LEU D 172 -3.21 -11.99 -24.61
N LYS D 173 -4.15 -12.09 -23.68
CA LYS D 173 -5.50 -12.51 -23.95
C LYS D 173 -6.14 -11.60 -25.01
N LYS D 174 -6.28 -10.32 -24.68
CA LYS D 174 -6.93 -9.38 -25.61
C LYS D 174 -5.95 -8.44 -26.34
N ALA D 175 -4.67 -8.80 -26.34
CA ALA D 175 -3.68 -8.08 -27.12
C ALA D 175 -4.15 -7.88 -28.55
N ASP D 176 -4.01 -6.68 -29.10
CA ASP D 176 -4.29 -6.48 -30.54
C ASP D 176 -3.09 -6.84 -31.38
N PHE D 177 -1.93 -6.82 -30.74
CA PHE D 177 -0.75 -7.28 -31.40
C PHE D 177 0.14 -7.86 -30.36
N ILE D 178 0.71 -9.01 -30.71
CA ILE D 178 1.72 -9.68 -29.92
C ILE D 178 2.95 -9.74 -30.79
N ILE D 179 4.08 -9.31 -30.24
CA ILE D 179 5.34 -9.37 -30.97
C ILE D 179 6.27 -10.24 -30.15
N LYS D 180 6.69 -11.35 -30.74
CA LYS D 180 7.56 -12.27 -30.03
C LYS D 180 8.99 -11.73 -30.08
N ASN D 181 9.53 -11.47 -28.89
CA ASN D 181 10.90 -10.99 -28.75
C ASN D 181 11.79 -12.24 -28.71
N THR D 182 12.02 -12.79 -29.89
CA THR D 182 12.71 -14.08 -30.08
C THR D 182 14.20 -13.96 -29.80
N ASN D 183 14.91 -15.05 -30.05
CA ASN D 183 16.37 -15.04 -29.90
C ASN D 183 17.10 -14.26 -30.99
N SER D 184 16.50 -14.11 -32.18
CA SER D 184 17.11 -13.27 -33.23
C SER D 184 16.71 -11.80 -33.14
N TYR D 185 17.54 -10.98 -32.50
CA TYR D 185 17.28 -9.54 -32.46
C TYR D 185 16.83 -8.96 -33.81
N ALA D 186 17.61 -9.17 -34.85
CA ALA D 186 17.31 -8.54 -36.14
C ALA D 186 15.94 -8.94 -36.61
N ASP D 187 15.56 -10.18 -36.33
CA ASP D 187 14.23 -10.64 -36.66
C ASP D 187 13.23 -9.79 -35.91
N PHE D 188 13.31 -9.83 -34.56
CA PHE D 188 12.39 -9.08 -33.68
C PHE D 188 12.20 -7.64 -34.14
N ARG D 189 13.29 -7.00 -34.58
CA ARG D 189 13.24 -5.65 -35.14
C ARG D 189 12.28 -5.51 -36.29
N GLN D 190 12.27 -6.50 -37.18
CA GLN D 190 11.44 -6.46 -38.38
C GLN D 190 10.04 -6.97 -38.08
N GLU D 191 9.90 -7.71 -36.97
CA GLU D 191 8.58 -8.01 -36.39
C GLU D 191 7.92 -6.70 -35.93
N CYS D 192 8.73 -5.75 -35.45
CA CYS D 192 8.21 -4.45 -35.04
C CYS D 192 7.71 -3.65 -36.23
N VAL D 193 8.53 -3.55 -37.28
CA VAL D 193 8.17 -2.69 -38.39
C VAL D 193 6.87 -3.18 -39.06
N LYS D 194 6.72 -4.49 -39.22
CA LYS D 194 5.53 -5.04 -39.87
C LYS D 194 4.29 -4.69 -39.09
N VAL D 195 4.37 -4.76 -37.77
CA VAL D 195 3.24 -4.32 -36.96
C VAL D 195 2.97 -2.85 -37.22
N ILE D 196 4.02 -2.04 -37.22
CA ILE D 196 3.85 -0.60 -37.31
C ILE D 196 3.27 -0.31 -38.70
N GLN D 197 3.71 -1.06 -39.70
CA GLN D 197 3.17 -0.90 -41.04
C GLN D 197 1.69 -1.27 -41.02
N GLU D 198 1.35 -2.47 -40.57
CA GLU D 198 -0.07 -2.85 -40.38
C GLU D 198 -0.89 -1.85 -39.55
N ILE D 199 -0.29 -1.21 -38.55
CA ILE D 199 -1.00 -0.17 -37.79
C ILE D 199 -1.29 1.02 -38.68
N SER D 200 -0.33 1.41 -39.53
CA SER D 200 -0.42 2.66 -40.31
C SER D 200 -1.50 2.71 -41.42
N LYS D 201 -1.84 1.55 -42.00
CA LYS D 201 -2.93 1.44 -43.01
C LYS D 201 -4.34 1.48 -42.39
N GLY D 202 -4.57 0.70 -41.32
CA GLY D 202 -5.86 0.70 -40.60
C GLY D 202 -7.11 0.90 -41.43
C1 BME E . -26.45 18.25 3.70
C2 BME E . -27.37 17.05 3.95
O1 BME E . -25.72 18.64 4.89
S2 BME E . -27.61 16.15 2.38
C1 BME F . 16.50 -9.23 -25.85
C2 BME F . 16.56 -8.46 -27.18
O1 BME F . 16.99 -10.57 -26.01
S2 BME F . 15.64 -6.90 -26.99
#